data_3CWI
# 
_entry.id   3CWI 
# 
_audit_conform.dict_name       mmcif_pdbx.dic 
_audit_conform.dict_version    5.399 
_audit_conform.dict_location   http://mmcif.pdb.org/dictionaries/ascii/mmcif_pdbx.dic 
# 
loop_
_database_2.database_id 
_database_2.database_code 
_database_2.pdbx_database_accession 
_database_2.pdbx_DOI 
PDB   3CWI         pdb_00003cwi 10.2210/pdb3cwi/pdb 
RCSB  RCSB047297   ?            ?                   
WWPDB D_1000047297 ?            ?                   
# 
loop_
_pdbx_audit_revision_history.ordinal 
_pdbx_audit_revision_history.data_content_type 
_pdbx_audit_revision_history.major_revision 
_pdbx_audit_revision_history.minor_revision 
_pdbx_audit_revision_history.revision_date 
1 'Structure model' 1 0 2008-05-06 
2 'Structure model' 1 1 2011-07-13 
3 'Structure model' 1 2 2024-11-20 
# 
_pdbx_audit_revision_details.ordinal             1 
_pdbx_audit_revision_details.revision_ordinal    1 
_pdbx_audit_revision_details.data_content_type   'Structure model' 
_pdbx_audit_revision_details.provider            repository 
_pdbx_audit_revision_details.type                'Initial release' 
_pdbx_audit_revision_details.description         ? 
_pdbx_audit_revision_details.details             ? 
# 
loop_
_pdbx_audit_revision_group.ordinal 
_pdbx_audit_revision_group.revision_ordinal 
_pdbx_audit_revision_group.data_content_type 
_pdbx_audit_revision_group.group 
1 2 'Structure model' 'Version format compliance' 
2 3 'Structure model' 'Data collection'           
3 3 'Structure model' 'Database references'       
4 3 'Structure model' 'Derived calculations'      
5 3 'Structure model' 'Structure summary'         
# 
loop_
_pdbx_audit_revision_category.ordinal 
_pdbx_audit_revision_category.revision_ordinal 
_pdbx_audit_revision_category.data_content_type 
_pdbx_audit_revision_category.category 
1 3 'Structure model' chem_comp_atom            
2 3 'Structure model' chem_comp_bond            
3 3 'Structure model' database_2                
4 3 'Structure model' pdbx_entry_details        
5 3 'Structure model' pdbx_modification_feature 
6 3 'Structure model' struct_conn               
7 3 'Structure model' struct_ref_seq_dif        
# 
loop_
_pdbx_audit_revision_item.ordinal 
_pdbx_audit_revision_item.revision_ordinal 
_pdbx_audit_revision_item.data_content_type 
_pdbx_audit_revision_item.item 
1 3 'Structure model' '_database_2.pdbx_DOI'                
2 3 'Structure model' '_database_2.pdbx_database_accession' 
3 3 'Structure model' '_struct_conn.pdbx_leaving_atom_flag' 
4 3 'Structure model' '_struct_ref_seq_dif.details'         
# 
_pdbx_database_status.status_code                     REL 
_pdbx_database_status.entry_id                        3CWI 
_pdbx_database_status.recvd_initial_deposition_date   2008-04-21 
_pdbx_database_status.deposit_site                    RCSB 
_pdbx_database_status.process_site                    RCSB 
_pdbx_database_status.status_code_sf                  REL 
_pdbx_database_status.status_code_mr                  ? 
_pdbx_database_status.SG_entry                        Y 
_pdbx_database_status.pdb_format_compatible           Y 
_pdbx_database_status.status_code_cs                  ? 
_pdbx_database_status.status_code_nmr_data            ? 
_pdbx_database_status.methods_development_category    ? 
# 
_pdbx_database_related.db_name        TargetDB 
_pdbx_database_related.db_id          GmR137 
_pdbx_database_related.details        . 
_pdbx_database_related.content_type   unspecified 
# 
loop_
_audit_author.name 
_audit_author.pdbx_ordinal 
'Forouhar, F.'                                    1  
'Abashidze, M.'                                   2  
'Seetharaman, J.'                                 3  
'Mao, L.'                                         4  
'Janjua, H.'                                      5  
'Xiao, R.'                                        6  
'Maglaqui, M.'                                    7  
'Ciccosanti, C.'                                  8  
'Foote, E.L.'                                     9  
'Wang, H.'                                        10 
'Everett, J.K.'                                   11 
'Acton, T.B.'                                     12 
'Montelione, G.T.'                                13 
'Tong, L.'                                        14 
'Hunt, J.F.'                                      15 
'Northeast Structural Genomics Consortium (NESG)' 16 
# 
_citation.id                        primary 
_citation.title                     'Crystal structure of thiamine biosynthesis protein (ThiS) from Geobacter metallireducens.' 
_citation.journal_abbrev            'To be Published' 
_citation.journal_volume            ? 
_citation.page_first                ? 
_citation.page_last                 ? 
_citation.year                      ? 
_citation.journal_id_ASTM           ? 
_citation.country                   ? 
_citation.journal_id_ISSN           ? 
_citation.journal_id_CSD            0353 
_citation.book_publisher            ? 
_citation.pdbx_database_id_PubMed   ? 
_citation.pdbx_database_id_DOI      ? 
# 
loop_
_citation_author.citation_id 
_citation_author.name 
_citation_author.ordinal 
_citation_author.identifier_ORCID 
primary 'Forouhar, F.'     1  ? 
primary 'Abashidze, M.'    2  ? 
primary 'Seetharaman, J.'  3  ? 
primary 'Mao, L.'          4  ? 
primary 'Janjua, H.'       5  ? 
primary 'Xiao, R.'         6  ? 
primary 'Maglaqui, M.'     7  ? 
primary 'Ciccosanti, C.'   8  ? 
primary 'Foote, E.L.'      9  ? 
primary 'Wang, H.'         10 ? 
primary 'Everett, J.K.'    11 ? 
primary 'Acton, T.B.'      12 ? 
primary 'Montelione, G.T.' 13 ? 
primary 'Tong, L.'         14 ? 
primary 'Hunt, J.F.'       15 ? 
# 
loop_
_entity.id 
_entity.type 
_entity.src_method 
_entity.pdbx_description 
_entity.formula_weight 
_entity.pdbx_number_of_molecules 
_entity.pdbx_ec 
_entity.pdbx_mutation 
_entity.pdbx_fragment 
_entity.details 
1 polymer man 'Thiamine-biosynthesis protein ThiS' 8624.253 1  ? ? ? ? 
2 water   nat water                                18.015   45 ? ? ? ? 
# 
_entity_poly.entity_id                      1 
_entity_poly.type                           'polypeptide(L)' 
_entity_poly.nstd_linkage                   no 
_entity_poly.nstd_monomer                   yes 
_entity_poly.pdbx_seq_one_letter_code       
;(MSE)NLTVNGKPSTVDGAESLNVTELLSALKVAQAEYVTVELNGEVLEREAFDATTVKDGDAVEFLYF(MSE)GGGKLE
HHHHHH
;
_entity_poly.pdbx_seq_one_letter_code_can   MNLTVNGKPSTVDGAESLNVTELLSALKVAQAEYVTVELNGEVLEREAFDATTVKDGDAVEFLYFMGGGKLEHHHHHH 
_entity_poly.pdbx_strand_id                 A 
_entity_poly.pdbx_target_identifier         GmR137 
# 
_pdbx_entity_nonpoly.entity_id   2 
_pdbx_entity_nonpoly.name        water 
_pdbx_entity_nonpoly.comp_id     HOH 
# 
loop_
_entity_poly_seq.entity_id 
_entity_poly_seq.num 
_entity_poly_seq.mon_id 
_entity_poly_seq.hetero 
1 1  MSE n 
1 2  ASN n 
1 3  LEU n 
1 4  THR n 
1 5  VAL n 
1 6  ASN n 
1 7  GLY n 
1 8  LYS n 
1 9  PRO n 
1 10 SER n 
1 11 THR n 
1 12 VAL n 
1 13 ASP n 
1 14 GLY n 
1 15 ALA n 
1 16 GLU n 
1 17 SER n 
1 18 LEU n 
1 19 ASN n 
1 20 VAL n 
1 21 THR n 
1 22 GLU n 
1 23 LEU n 
1 24 LEU n 
1 25 SER n 
1 26 ALA n 
1 27 LEU n 
1 28 LYS n 
1 29 VAL n 
1 30 ALA n 
1 31 GLN n 
1 32 ALA n 
1 33 GLU n 
1 34 TYR n 
1 35 VAL n 
1 36 THR n 
1 37 VAL n 
1 38 GLU n 
1 39 LEU n 
1 40 ASN n 
1 41 GLY n 
1 42 GLU n 
1 43 VAL n 
1 44 LEU n 
1 45 GLU n 
1 46 ARG n 
1 47 GLU n 
1 48 ALA n 
1 49 PHE n 
1 50 ASP n 
1 51 ALA n 
1 52 THR n 
1 53 THR n 
1 54 VAL n 
1 55 LYS n 
1 56 ASP n 
1 57 GLY n 
1 58 ASP n 
1 59 ALA n 
1 60 VAL n 
1 61 GLU n 
1 62 PHE n 
1 63 LEU n 
1 64 TYR n 
1 65 PHE n 
1 66 MSE n 
1 67 GLY n 
1 68 GLY n 
1 69 GLY n 
1 70 LYS n 
1 71 LEU n 
1 72 GLU n 
1 73 HIS n 
1 74 HIS n 
1 75 HIS n 
1 76 HIS n 
1 77 HIS n 
1 78 HIS n 
# 
_entity_src_gen.entity_id                          1 
_entity_src_gen.pdbx_src_id                        1 
_entity_src_gen.pdbx_alt_source_flag               sample 
_entity_src_gen.pdbx_seq_type                      ? 
_entity_src_gen.pdbx_beg_seq_num                   ? 
_entity_src_gen.pdbx_end_seq_num                   ? 
_entity_src_gen.gene_src_common_name               ? 
_entity_src_gen.gene_src_genus                     Geobacter 
_entity_src_gen.pdbx_gene_src_gene                 'ThiS, Gmet_1567' 
_entity_src_gen.gene_src_species                   'Geobacter metallireducens' 
_entity_src_gen.gene_src_strain                    'GS-15 / DSM 7210' 
_entity_src_gen.gene_src_tissue                    ? 
_entity_src_gen.gene_src_tissue_fraction           ? 
_entity_src_gen.gene_src_details                   ? 
_entity_src_gen.pdbx_gene_src_fragment             ? 
_entity_src_gen.pdbx_gene_src_scientific_name      'Geobacter metallireducens GS-15' 
_entity_src_gen.pdbx_gene_src_ncbi_taxonomy_id     269799 
_entity_src_gen.pdbx_gene_src_variant              ? 
_entity_src_gen.pdbx_gene_src_cell_line            ? 
_entity_src_gen.pdbx_gene_src_atcc                 53774 
_entity_src_gen.pdbx_gene_src_organ                ? 
_entity_src_gen.pdbx_gene_src_organelle            ? 
_entity_src_gen.pdbx_gene_src_cell                 ? 
_entity_src_gen.pdbx_gene_src_cellular_location    ? 
_entity_src_gen.host_org_common_name               ? 
_entity_src_gen.pdbx_host_org_scientific_name      'Escherichia coli' 
_entity_src_gen.pdbx_host_org_ncbi_taxonomy_id     562 
_entity_src_gen.host_org_genus                     Escherichia 
_entity_src_gen.pdbx_host_org_gene                 ? 
_entity_src_gen.pdbx_host_org_organ                ? 
_entity_src_gen.host_org_species                   ? 
_entity_src_gen.pdbx_host_org_tissue               ? 
_entity_src_gen.pdbx_host_org_tissue_fraction      ? 
_entity_src_gen.pdbx_host_org_strain               'BL21(DE3)+Magic' 
_entity_src_gen.pdbx_host_org_variant              ? 
_entity_src_gen.pdbx_host_org_cell_line            ? 
_entity_src_gen.pdbx_host_org_atcc                 ? 
_entity_src_gen.pdbx_host_org_culture_collection   ? 
_entity_src_gen.pdbx_host_org_cell                 ? 
_entity_src_gen.pdbx_host_org_organelle            ? 
_entity_src_gen.pdbx_host_org_cellular_location    ? 
_entity_src_gen.pdbx_host_org_vector_type          Plasmid 
_entity_src_gen.pdbx_host_org_vector               ? 
_entity_src_gen.host_org_details                   ? 
_entity_src_gen.expression_system_id               ? 
_entity_src_gen.plasmid_name                       pET21 
_entity_src_gen.plasmid_details                    ? 
_entity_src_gen.pdbx_description                   ? 
# 
loop_
_chem_comp.id 
_chem_comp.type 
_chem_comp.mon_nstd_flag 
_chem_comp.name 
_chem_comp.pdbx_synonyms 
_chem_comp.formula 
_chem_comp.formula_weight 
ALA 'L-peptide linking' y ALANINE          ? 'C3 H7 N O2'     89.093  
ARG 'L-peptide linking' y ARGININE         ? 'C6 H15 N4 O2 1' 175.209 
ASN 'L-peptide linking' y ASPARAGINE       ? 'C4 H8 N2 O3'    132.118 
ASP 'L-peptide linking' y 'ASPARTIC ACID'  ? 'C4 H7 N O4'     133.103 
GLN 'L-peptide linking' y GLUTAMINE        ? 'C5 H10 N2 O3'   146.144 
GLU 'L-peptide linking' y 'GLUTAMIC ACID'  ? 'C5 H9 N O4'     147.129 
GLY 'peptide linking'   y GLYCINE          ? 'C2 H5 N O2'     75.067  
HIS 'L-peptide linking' y HISTIDINE        ? 'C6 H10 N3 O2 1' 156.162 
HOH non-polymer         . WATER            ? 'H2 O'           18.015  
LEU 'L-peptide linking' y LEUCINE          ? 'C6 H13 N O2'    131.173 
LYS 'L-peptide linking' y LYSINE           ? 'C6 H15 N2 O2 1' 147.195 
MSE 'L-peptide linking' n SELENOMETHIONINE ? 'C5 H11 N O2 Se' 196.106 
PHE 'L-peptide linking' y PHENYLALANINE    ? 'C9 H11 N O2'    165.189 
PRO 'L-peptide linking' y PROLINE          ? 'C5 H9 N O2'     115.130 
SER 'L-peptide linking' y SERINE           ? 'C3 H7 N O3'     105.093 
THR 'L-peptide linking' y THREONINE        ? 'C4 H9 N O3'     119.119 
TYR 'L-peptide linking' y TYROSINE         ? 'C9 H11 N O3'    181.189 
VAL 'L-peptide linking' y VALINE           ? 'C5 H11 N O2'    117.146 
# 
loop_
_pdbx_poly_seq_scheme.asym_id 
_pdbx_poly_seq_scheme.entity_id 
_pdbx_poly_seq_scheme.seq_id 
_pdbx_poly_seq_scheme.mon_id 
_pdbx_poly_seq_scheme.ndb_seq_num 
_pdbx_poly_seq_scheme.pdb_seq_num 
_pdbx_poly_seq_scheme.auth_seq_num 
_pdbx_poly_seq_scheme.pdb_mon_id 
_pdbx_poly_seq_scheme.auth_mon_id 
_pdbx_poly_seq_scheme.pdb_strand_id 
_pdbx_poly_seq_scheme.pdb_ins_code 
_pdbx_poly_seq_scheme.hetero 
A 1 1  MSE 1  1  1  MSE MSE A . n 
A 1 2  ASN 2  2  2  ASN ASN A . n 
A 1 3  LEU 3  3  3  LEU LEU A . n 
A 1 4  THR 4  4  4  THR THR A . n 
A 1 5  VAL 5  5  5  VAL VAL A . n 
A 1 6  ASN 6  6  6  ASN ASN A . n 
A 1 7  GLY 7  7  7  GLY GLY A . n 
A 1 8  LYS 8  8  8  LYS LYS A . n 
A 1 9  PRO 9  9  9  PRO PRO A . n 
A 1 10 SER 10 10 10 SER SER A . n 
A 1 11 THR 11 11 11 THR THR A . n 
A 1 12 VAL 12 12 12 VAL VAL A . n 
A 1 13 ASP 13 13 13 ASP ASP A . n 
A 1 14 GLY 14 14 14 GLY GLY A . n 
A 1 15 ALA 15 15 15 ALA ALA A . n 
A 1 16 GLU 16 16 16 GLU GLU A . n 
A 1 17 SER 17 17 17 SER SER A . n 
A 1 18 LEU 18 18 18 LEU LEU A . n 
A 1 19 ASN 19 19 19 ASN ASN A . n 
A 1 20 VAL 20 20 20 VAL VAL A . n 
A 1 21 THR 21 21 21 THR THR A . n 
A 1 22 GLU 22 22 22 GLU GLU A . n 
A 1 23 LEU 23 23 23 LEU LEU A . n 
A 1 24 LEU 24 24 24 LEU LEU A . n 
A 1 25 SER 25 25 25 SER SER A . n 
A 1 26 ALA 26 26 26 ALA ALA A . n 
A 1 27 LEU 27 27 27 LEU LEU A . n 
A 1 28 LYS 28 28 28 LYS LYS A . n 
A 1 29 VAL 29 29 29 VAL VAL A . n 
A 1 30 ALA 30 30 30 ALA ALA A . n 
A 1 31 GLN 31 31 31 GLN GLN A . n 
A 1 32 ALA 32 32 32 ALA ALA A . n 
A 1 33 GLU 33 33 33 GLU GLU A . n 
A 1 34 TYR 34 34 34 TYR TYR A . n 
A 1 35 VAL 35 35 35 VAL VAL A . n 
A 1 36 THR 36 36 36 THR THR A . n 
A 1 37 VAL 37 37 37 VAL VAL A . n 
A 1 38 GLU 38 38 38 GLU GLU A . n 
A 1 39 LEU 39 39 39 LEU LEU A . n 
A 1 40 ASN 40 40 40 ASN ASN A . n 
A 1 41 GLY 41 41 41 GLY GLY A . n 
A 1 42 GLU 42 42 42 GLU GLU A . n 
A 1 43 VAL 43 43 43 VAL VAL A . n 
A 1 44 LEU 44 44 44 LEU LEU A . n 
A 1 45 GLU 45 45 45 GLU GLU A . n 
A 1 46 ARG 46 46 46 ARG ARG A . n 
A 1 47 GLU 47 47 47 GLU GLU A . n 
A 1 48 ALA 48 48 48 ALA ALA A . n 
A 1 49 PHE 49 49 49 PHE PHE A . n 
A 1 50 ASP 50 50 50 ASP ASP A . n 
A 1 51 ALA 51 51 51 ALA ALA A . n 
A 1 52 THR 52 52 52 THR THR A . n 
A 1 53 THR 53 53 53 THR THR A . n 
A 1 54 VAL 54 54 54 VAL VAL A . n 
A 1 55 LYS 55 55 55 LYS LYS A . n 
A 1 56 ASP 56 56 56 ASP ASP A . n 
A 1 57 GLY 57 57 57 GLY GLY A . n 
A 1 58 ASP 58 58 58 ASP ASP A . n 
A 1 59 ALA 59 59 59 ALA ALA A . n 
A 1 60 VAL 60 60 60 VAL VAL A . n 
A 1 61 GLU 61 61 61 GLU GLU A . n 
A 1 62 PHE 62 62 62 PHE PHE A . n 
A 1 63 LEU 63 63 63 LEU LEU A . n 
A 1 64 TYR 64 64 64 TYR TYR A . n 
A 1 65 PHE 65 65 65 PHE PHE A . n 
A 1 66 MSE 66 66 66 MSE MSE A . n 
A 1 67 GLY 67 67 67 GLY GLY A . n 
A 1 68 GLY 68 68 68 GLY GLY A . n 
A 1 69 GLY 69 69 69 GLY GLY A . n 
A 1 70 LYS 70 70 ?  ?   ?   A . n 
A 1 71 LEU 71 71 ?  ?   ?   A . n 
A 1 72 GLU 72 72 ?  ?   ?   A . n 
A 1 73 HIS 73 73 ?  ?   ?   A . n 
A 1 74 HIS 74 74 ?  ?   ?   A . n 
A 1 75 HIS 75 75 ?  ?   ?   A . n 
A 1 76 HIS 76 76 ?  ?   ?   A . n 
A 1 77 HIS 77 77 ?  ?   ?   A . n 
A 1 78 HIS 78 78 ?  ?   ?   A . n 
# 
loop_
_pdbx_nonpoly_scheme.asym_id 
_pdbx_nonpoly_scheme.entity_id 
_pdbx_nonpoly_scheme.mon_id 
_pdbx_nonpoly_scheme.ndb_seq_num 
_pdbx_nonpoly_scheme.pdb_seq_num 
_pdbx_nonpoly_scheme.auth_seq_num 
_pdbx_nonpoly_scheme.pdb_mon_id 
_pdbx_nonpoly_scheme.auth_mon_id 
_pdbx_nonpoly_scheme.pdb_strand_id 
_pdbx_nonpoly_scheme.pdb_ins_code 
B 2 HOH 1  79  1  HOH HOH A . 
B 2 HOH 2  80  2  HOH HOH A . 
B 2 HOH 3  81  3  HOH HOH A . 
B 2 HOH 4  82  4  HOH HOH A . 
B 2 HOH 5  83  5  HOH HOH A . 
B 2 HOH 6  84  6  HOH HOH A . 
B 2 HOH 7  85  7  HOH HOH A . 
B 2 HOH 8  86  8  HOH HOH A . 
B 2 HOH 9  87  9  HOH HOH A . 
B 2 HOH 10 88  10 HOH HOH A . 
B 2 HOH 11 89  11 HOH HOH A . 
B 2 HOH 12 90  12 HOH HOH A . 
B 2 HOH 13 91  13 HOH HOH A . 
B 2 HOH 14 92  14 HOH HOH A . 
B 2 HOH 15 93  15 HOH HOH A . 
B 2 HOH 16 94  16 HOH HOH A . 
B 2 HOH 17 95  17 HOH HOH A . 
B 2 HOH 18 96  18 HOH HOH A . 
B 2 HOH 19 97  19 HOH HOH A . 
B 2 HOH 20 98  20 HOH HOH A . 
B 2 HOH 21 99  21 HOH HOH A . 
B 2 HOH 22 100 22 HOH HOH A . 
B 2 HOH 23 101 23 HOH HOH A . 
B 2 HOH 24 102 24 HOH HOH A . 
B 2 HOH 25 103 25 HOH HOH A . 
B 2 HOH 26 104 26 HOH HOH A . 
B 2 HOH 27 105 27 HOH HOH A . 
B 2 HOH 28 106 28 HOH HOH A . 
B 2 HOH 29 107 29 HOH HOH A . 
B 2 HOH 30 108 30 HOH HOH A . 
B 2 HOH 31 109 31 HOH HOH A . 
B 2 HOH 32 110 32 HOH HOH A . 
B 2 HOH 33 111 33 HOH HOH A . 
B 2 HOH 34 112 34 HOH HOH A . 
B 2 HOH 35 113 35 HOH HOH A . 
B 2 HOH 36 114 36 HOH HOH A . 
B 2 HOH 37 115 37 HOH HOH A . 
B 2 HOH 38 116 38 HOH HOH A . 
B 2 HOH 39 117 39 HOH HOH A . 
B 2 HOH 40 118 40 HOH HOH A . 
B 2 HOH 41 119 41 HOH HOH A . 
B 2 HOH 42 120 42 HOH HOH A . 
B 2 HOH 43 121 43 HOH HOH A . 
B 2 HOH 44 122 44 HOH HOH A . 
B 2 HOH 45 123 45 HOH HOH A . 
# 
loop_
_software.name 
_software.classification 
_software.version 
_software.citation_id 
_software.pdbx_ordinal 
CNS       refinement        1.2     ? 1 
ADSC      'data collection' Quantum ? 2 
DENZO     'data reduction'  .       ? 3 
SCALEPACK 'data scaling'    .       ? 4 
SOLVE     phasing           .       ? 5 
# 
_cell.entry_id           3CWI 
_cell.length_a           40.965 
_cell.length_b           40.965 
_cell.length_c           89.537 
_cell.angle_alpha        90.00 
_cell.angle_beta         90.00 
_cell.angle_gamma        90.00 
_cell.Z_PDB              8 
_cell.pdbx_unique_axis   ? 
_cell.length_a_esd       ? 
_cell.length_b_esd       ? 
_cell.length_c_esd       ? 
_cell.angle_alpha_esd    ? 
_cell.angle_beta_esd     ? 
_cell.angle_gamma_esd    ? 
# 
_symmetry.entry_id                         3CWI 
_symmetry.space_group_name_H-M             'P 43 21 2' 
_symmetry.pdbx_full_space_group_name_H-M   ? 
_symmetry.cell_setting                     ? 
_symmetry.Int_Tables_number                96 
_symmetry.space_group_name_Hall            ? 
# 
_exptl.entry_id          3CWI 
_exptl.method            'X-RAY DIFFRACTION' 
_exptl.crystals_number   1 
# 
_exptl_crystal.id                    1 
_exptl_crystal.density_meas          ? 
_exptl_crystal.density_Matthews      2.18 
_exptl_crystal.density_percent_sol   43.52 
_exptl_crystal.description           'The structure factor file contains Friedel pairs' 
_exptl_crystal.F_000                 ? 
_exptl_crystal.preparation           ? 
# 
_exptl_crystal_grow.crystal_id      1 
_exptl_crystal_grow.method          'VAPOR DIFFUSION, HANGING DROP' 
_exptl_crystal_grow.temp            291 
_exptl_crystal_grow.temp_details    ? 
_exptl_crystal_grow.pH              5.0 
_exptl_crystal_grow.pdbx_details    
;Protein solution: 10 mM Tris-HCl pH 7.5, 100 mM NaCl, 5 mM DTT. Reservoir solution: 100 mM Sodium acetate pH 5.0, 18% PEG 8000, 200 mM Magnesium chloride, VAPOR DIFFUSION, HANGING DROP, temperature 291K
;
_exptl_crystal_grow.pdbx_pH_range   . 
# 
_diffrn.id                     1 
_diffrn.ambient_temp           100 
_diffrn.ambient_temp_details   ? 
_diffrn.crystal_id             1 
# 
_diffrn_detector.diffrn_id              1 
_diffrn_detector.detector               CCD 
_diffrn_detector.type                   'MAR CCD 165 mm' 
_diffrn_detector.pdbx_collection_date   2008-04-02 
_diffrn_detector.details                Mirrors 
# 
_diffrn_radiation.diffrn_id                        1 
_diffrn_radiation.wavelength_id                    1 
_diffrn_radiation.pdbx_monochromatic_or_laue_m_l   M 
_diffrn_radiation.monochromator                    'Si 111 CHANNEL' 
_diffrn_radiation.pdbx_diffrn_protocol             'SINGLE WAVELENGTH' 
_diffrn_radiation.pdbx_scattering_type             x-ray 
# 
_diffrn_radiation_wavelength.id           1 
_diffrn_radiation_wavelength.wavelength   0.97908 
_diffrn_radiation_wavelength.wt           1.0 
# 
_diffrn_source.diffrn_id                   1 
_diffrn_source.source                      SYNCHROTRON 
_diffrn_source.type                        'NSLS BEAMLINE X4C' 
_diffrn_source.pdbx_synchrotron_site       NSLS 
_diffrn_source.pdbx_synchrotron_beamline   X4C 
_diffrn_source.pdbx_wavelength             ? 
_diffrn_source.pdbx_wavelength_list        0.97908 
# 
_reflns.entry_id                     3CWI 
_reflns.observed_criterion_sigma_I   0 
_reflns.observed_criterion_sigma_F   0 
_reflns.d_resolution_low             30.0 
_reflns.d_resolution_high            1.90 
_reflns.number_obs                   11436 
_reflns.number_all                   11436 
_reflns.percent_possible_obs         99.5 
_reflns.pdbx_Rmerge_I_obs            0.078 
_reflns.pdbx_Rsym_value              0.063 
_reflns.pdbx_netI_over_sigmaI        40.74 
_reflns.B_iso_Wilson_estimate        16.0 
_reflns.pdbx_redundancy              14.5 
_reflns.R_free_details               ? 
_reflns.limit_h_max                  ? 
_reflns.limit_h_min                  ? 
_reflns.limit_k_max                  ? 
_reflns.limit_k_min                  ? 
_reflns.limit_l_max                  ? 
_reflns.limit_l_min                  ? 
_reflns.observed_criterion_F_max     ? 
_reflns.observed_criterion_F_min     ? 
_reflns.pdbx_chi_squared             ? 
_reflns.pdbx_scaling_rejects         ? 
_reflns.pdbx_diffrn_id               1 
_reflns.pdbx_ordinal                 1 
# 
_reflns_shell.d_res_high             1.90 
_reflns_shell.d_res_low              1.97 
_reflns_shell.percent_possible_all   99.8 
_reflns_shell.Rmerge_I_obs           0.370 
_reflns_shell.pdbx_Rsym_value        0.328 
_reflns_shell.meanI_over_sigI_obs    4.54 
_reflns_shell.pdbx_redundancy        10.8 
_reflns_shell.percent_possible_obs   ? 
_reflns_shell.number_unique_all      1152 
_reflns_shell.number_measured_all    ? 
_reflns_shell.number_measured_obs    ? 
_reflns_shell.number_unique_obs      ? 
_reflns_shell.pdbx_chi_squared       ? 
_reflns_shell.pdbx_diffrn_id         ? 
_reflns_shell.pdbx_ordinal           1 
# 
_refine.entry_id                                 3CWI 
_refine.ls_number_reflns_obs                     10382 
_refine.ls_number_reflns_all                     11436 
_refine.pdbx_ls_sigma_I                          ? 
_refine.pdbx_ls_sigma_F                          2.0 
_refine.pdbx_data_cutoff_high_absF               856078.58 
_refine.pdbx_data_cutoff_low_absF                0.000000 
_refine.pdbx_data_cutoff_high_rms_absF           ? 
_refine.ls_d_res_low                             19.97 
_refine.ls_d_res_high                            1.90 
_refine.ls_percent_reflns_obs                    90.7 
_refine.ls_R_factor_obs                          0.226 
_refine.ls_R_factor_all                          0.227 
_refine.ls_R_factor_R_work                       0.226 
_refine.ls_R_factor_R_free                       0.258 
_refine.ls_R_factor_R_free_error                 0.008 
_refine.ls_R_factor_R_free_error_details         ? 
_refine.ls_percent_reflns_R_free                 10.2 
_refine.ls_number_reflns_R_free                  1060 
_refine.ls_number_parameters                     ? 
_refine.ls_number_restraints                     ? 
_refine.occupancy_min                            ? 
_refine.occupancy_max                            ? 
_refine.correlation_coeff_Fo_to_Fc               ? 
_refine.correlation_coeff_Fo_to_Fc_free          ? 
_refine.B_iso_mean                               32.0 
_refine.aniso_B[1][1]                            4.20 
_refine.aniso_B[2][2]                            4.20 
_refine.aniso_B[3][3]                            -8.40 
_refine.aniso_B[1][2]                            0.00 
_refine.aniso_B[1][3]                            0.00 
_refine.aniso_B[2][3]                            0.00 
_refine.solvent_model_details                    'FLAT MODEL' 
_refine.solvent_model_param_ksol                 0.45 
_refine.solvent_model_param_bsol                 59.014 
_refine.pdbx_solvent_vdw_probe_radii             ? 
_refine.pdbx_solvent_ion_probe_radii             ? 
_refine.pdbx_solvent_shrinkage_radii             ? 
_refine.pdbx_ls_cross_valid_method               THROUGHOUT 
_refine.details                                  'The Friedel pairs were used in phasing' 
_refine.pdbx_starting_model                      ? 
_refine.pdbx_method_to_determine_struct          SAD 
_refine.pdbx_isotropic_thermal_model             OVERALL 
_refine.pdbx_stereochemistry_target_values       'Engh & Huber' 
_refine.pdbx_stereochem_target_val_spec_case     ? 
_refine.pdbx_R_Free_selection_details            RANDOM 
_refine.pdbx_overall_ESU_R                       ? 
_refine.pdbx_overall_ESU_R_Free                  ? 
_refine.overall_SU_ML                            ? 
_refine.overall_SU_B                             ? 
_refine.ls_redundancy_reflns_obs                 ? 
_refine.B_iso_min                                ? 
_refine.B_iso_max                                ? 
_refine.overall_SU_R_Cruickshank_DPI             ? 
_refine.overall_SU_R_free                        ? 
_refine.ls_wR_factor_R_free                      ? 
_refine.ls_wR_factor_R_work                      ? 
_refine.overall_FOM_free_R_set                   ? 
_refine.overall_FOM_work_R_set                   ? 
_refine.pdbx_overall_phase_error                 ? 
_refine.pdbx_refine_id                           'X-RAY DIFFRACTION' 
_refine.pdbx_diffrn_id                           1 
_refine.pdbx_TLS_residual_ADP_flag               ? 
_refine.pdbx_overall_SU_R_free_Cruickshank_DPI   ? 
_refine.pdbx_overall_SU_R_Blow_DPI               ? 
_refine.pdbx_overall_SU_R_free_Blow_DPI          ? 
# 
_refine_analyze.entry_id                        3CWI 
_refine_analyze.Luzzati_coordinate_error_obs    0.23 
_refine_analyze.Luzzati_sigma_a_obs             0.05 
_refine_analyze.Luzzati_d_res_low_obs           5.00 
_refine_analyze.Luzzati_coordinate_error_free   0.31 
_refine_analyze.Luzzati_sigma_a_free            0.18 
_refine_analyze.Luzzati_d_res_low_free          ? 
_refine_analyze.number_disordered_residues      ? 
_refine_analyze.occupancy_sum_hydrogen          ? 
_refine_analyze.occupancy_sum_non_hydrogen      ? 
_refine_analyze.pdbx_Luzzati_d_res_high_obs     ? 
_refine_analyze.pdbx_refine_id                  'X-RAY DIFFRACTION' 
# 
_refine_hist.pdbx_refine_id                   'X-RAY DIFFRACTION' 
_refine_hist.cycle_id                         LAST 
_refine_hist.pdbx_number_atoms_protein        513 
_refine_hist.pdbx_number_atoms_nucleic_acid   0 
_refine_hist.pdbx_number_atoms_ligand         0 
_refine_hist.number_atoms_solvent             45 
_refine_hist.number_atoms_total               558 
_refine_hist.d_res_high                       1.90 
_refine_hist.d_res_low                        19.97 
# 
loop_
_refine_ls_restr.type 
_refine_ls_restr.dev_ideal 
_refine_ls_restr.dev_ideal_target 
_refine_ls_restr.weight 
_refine_ls_restr.number 
_refine_ls_restr.pdbx_refine_id 
_refine_ls_restr.pdbx_restraint_function 
c_bond_d           0.005 ? ? ? 'X-RAY DIFFRACTION' ? 
c_angle_deg        1.1   ? ? ? 'X-RAY DIFFRACTION' ? 
c_dihedral_angle_d 25.6  ? ? ? 'X-RAY DIFFRACTION' ? 
c_improper_angle_d 0.59  ? ? ? 'X-RAY DIFFRACTION' ? 
# 
_refine_ls_shell.pdbx_total_number_of_bins_used   10 
_refine_ls_shell.d_res_high                       1.90 
_refine_ls_shell.d_res_low                        1.97 
_refine_ls_shell.number_reflns_R_work             702 
_refine_ls_shell.R_factor_R_work                  0.219 
_refine_ls_shell.percent_reflns_obs               69.4 
_refine_ls_shell.R_factor_R_free                  0.24 
_refine_ls_shell.R_factor_R_free_error            0.025 
_refine_ls_shell.percent_reflns_R_free            11.6 
_refine_ls_shell.number_reflns_R_free             92 
_refine_ls_shell.number_reflns_all                ? 
_refine_ls_shell.R_factor_all                     ? 
_refine_ls_shell.number_reflns_obs                702 
_refine_ls_shell.redundancy_reflns_obs            ? 
_refine_ls_shell.pdbx_refine_id                   'X-RAY DIFFRACTION' 
# 
_struct.entry_id                  3CWI 
_struct.title                     
;Crystal structure of thiamine biosynthesis protein (ThiS) from Geobacter metallireducens. Northeast Structural Genomics Consortium Target GmR137
;
_struct.pdbx_model_details        ? 
_struct.pdbx_CASP_flag            ? 
_struct.pdbx_model_type_details   ? 
# 
_struct_keywords.entry_id        3CWI 
_struct_keywords.pdbx_keywords   'BIOSYNTHETIC PROTEIN' 
_struct_keywords.text            
;alpha-beta protein, Structural Genomics, PSI-2, Protein Structure Initiative, Northeast Structural Genomics Consortium, NESG, BIOSYNTHETIC PROTEIN
;
# 
loop_
_struct_asym.id 
_struct_asym.pdbx_blank_PDB_chainid_flag 
_struct_asym.pdbx_modified 
_struct_asym.entity_id 
_struct_asym.details 
A N N 1 ? 
B N N 2 ? 
# 
_struct_ref.id                         1 
_struct_ref.db_name                    UNP 
_struct_ref.db_code                    Q39VC5_GEOMG 
_struct_ref.pdbx_db_accession          Q39VC5 
_struct_ref.entity_id                  1 
_struct_ref.pdbx_seq_one_letter_code   MNLTVNGKPSTVDGAESLNVTELLSALKVAQAEYVTVELNGEVLEREAFDATTVKDGDAVEFLYFMGGGK 
_struct_ref.pdbx_align_begin           1 
_struct_ref.pdbx_db_isoform            ? 
# 
_struct_ref_seq.align_id                      1 
_struct_ref_seq.ref_id                        1 
_struct_ref_seq.pdbx_PDB_id_code              3CWI 
_struct_ref_seq.pdbx_strand_id                A 
_struct_ref_seq.seq_align_beg                 1 
_struct_ref_seq.pdbx_seq_align_beg_ins_code   ? 
_struct_ref_seq.seq_align_end                 70 
_struct_ref_seq.pdbx_seq_align_end_ins_code   ? 
_struct_ref_seq.pdbx_db_accession             Q39VC5 
_struct_ref_seq.db_align_beg                  1 
_struct_ref_seq.pdbx_db_align_beg_ins_code    ? 
_struct_ref_seq.db_align_end                  70 
_struct_ref_seq.pdbx_db_align_end_ins_code    ? 
_struct_ref_seq.pdbx_auth_seq_align_beg       1 
_struct_ref_seq.pdbx_auth_seq_align_end       70 
# 
loop_
_struct_ref_seq_dif.align_id 
_struct_ref_seq_dif.pdbx_pdb_id_code 
_struct_ref_seq_dif.mon_id 
_struct_ref_seq_dif.pdbx_pdb_strand_id 
_struct_ref_seq_dif.seq_num 
_struct_ref_seq_dif.pdbx_pdb_ins_code 
_struct_ref_seq_dif.pdbx_seq_db_name 
_struct_ref_seq_dif.pdbx_seq_db_accession_code 
_struct_ref_seq_dif.db_mon_id 
_struct_ref_seq_dif.pdbx_seq_db_seq_num 
_struct_ref_seq_dif.details 
_struct_ref_seq_dif.pdbx_auth_seq_num 
_struct_ref_seq_dif.pdbx_ordinal 
1 3CWI LEU A 71 ? UNP Q39VC5 ? ? 'expression tag' 71 1 
1 3CWI GLU A 72 ? UNP Q39VC5 ? ? 'expression tag' 72 2 
1 3CWI HIS A 73 ? UNP Q39VC5 ? ? 'expression tag' 73 3 
1 3CWI HIS A 74 ? UNP Q39VC5 ? ? 'expression tag' 74 4 
1 3CWI HIS A 75 ? UNP Q39VC5 ? ? 'expression tag' 75 5 
1 3CWI HIS A 76 ? UNP Q39VC5 ? ? 'expression tag' 76 6 
1 3CWI HIS A 77 ? UNP Q39VC5 ? ? 'expression tag' 77 7 
1 3CWI HIS A 78 ? UNP Q39VC5 ? ? 'expression tag' 78 8 
# 
_pdbx_struct_assembly.id                   1 
_pdbx_struct_assembly.details              author_and_software_defined_assembly 
_pdbx_struct_assembly.method_details       PISA 
_pdbx_struct_assembly.oligomeric_details   monomeric 
_pdbx_struct_assembly.oligomeric_count     1 
# 
_pdbx_struct_assembly_gen.assembly_id       1 
_pdbx_struct_assembly_gen.oper_expression   1 
_pdbx_struct_assembly_gen.asym_id_list      A,B 
# 
_pdbx_struct_oper_list.id                   1 
_pdbx_struct_oper_list.type                 'identity operation' 
_pdbx_struct_oper_list.name                 1_555 
_pdbx_struct_oper_list.symmetry_operation   x,y,z 
_pdbx_struct_oper_list.matrix[1][1]         1.0000000000 
_pdbx_struct_oper_list.matrix[1][2]         0.0000000000 
_pdbx_struct_oper_list.matrix[1][3]         0.0000000000 
_pdbx_struct_oper_list.vector[1]            0.0000000000 
_pdbx_struct_oper_list.matrix[2][1]         0.0000000000 
_pdbx_struct_oper_list.matrix[2][2]         1.0000000000 
_pdbx_struct_oper_list.matrix[2][3]         0.0000000000 
_pdbx_struct_oper_list.vector[2]            0.0000000000 
_pdbx_struct_oper_list.matrix[3][1]         0.0000000000 
_pdbx_struct_oper_list.matrix[3][2]         0.0000000000 
_pdbx_struct_oper_list.matrix[3][3]         1.0000000000 
_pdbx_struct_oper_list.vector[3]            0.0000000000 
# 
_struct_biol.id        1 
_struct_biol.details   'AUTHORS STATE THAT THE MONOMERIC ASSEMBLY OF THE BIOLOGICAL UNIT THAT IS SHOWN IN REMARK 350 IS PUTATIVE' 
# 
loop_
_struct_conf.conf_type_id 
_struct_conf.id 
_struct_conf.pdbx_PDB_helix_id 
_struct_conf.beg_label_comp_id 
_struct_conf.beg_label_asym_id 
_struct_conf.beg_label_seq_id 
_struct_conf.pdbx_beg_PDB_ins_code 
_struct_conf.end_label_comp_id 
_struct_conf.end_label_asym_id 
_struct_conf.end_label_seq_id 
_struct_conf.pdbx_end_PDB_ins_code 
_struct_conf.beg_auth_comp_id 
_struct_conf.beg_auth_asym_id 
_struct_conf.beg_auth_seq_id 
_struct_conf.end_auth_comp_id 
_struct_conf.end_auth_asym_id 
_struct_conf.end_auth_seq_id 
_struct_conf.pdbx_PDB_helix_class 
_struct_conf.details 
_struct_conf.pdbx_PDB_helix_length 
HELX_P HELX_P1 1 VAL A 20 ? LEU A 27 ? VAL A 20 LEU A 27 1 ? 8 
HELX_P HELX_P2 2 GLN A 31 ? VAL A 35 ? GLN A 31 VAL A 35 5 ? 5 
HELX_P HELX_P3 3 GLU A 45 ? PHE A 49 ? GLU A 45 PHE A 49 5 ? 5 
# 
_struct_conf_type.id          HELX_P 
_struct_conf_type.criteria    ? 
_struct_conf_type.reference   ? 
# 
loop_
_struct_conn.id 
_struct_conn.conn_type_id 
_struct_conn.pdbx_leaving_atom_flag 
_struct_conn.pdbx_PDB_id 
_struct_conn.ptnr1_label_asym_id 
_struct_conn.ptnr1_label_comp_id 
_struct_conn.ptnr1_label_seq_id 
_struct_conn.ptnr1_label_atom_id 
_struct_conn.pdbx_ptnr1_label_alt_id 
_struct_conn.pdbx_ptnr1_PDB_ins_code 
_struct_conn.pdbx_ptnr1_standard_comp_id 
_struct_conn.ptnr1_symmetry 
_struct_conn.ptnr2_label_asym_id 
_struct_conn.ptnr2_label_comp_id 
_struct_conn.ptnr2_label_seq_id 
_struct_conn.ptnr2_label_atom_id 
_struct_conn.pdbx_ptnr2_label_alt_id 
_struct_conn.pdbx_ptnr2_PDB_ins_code 
_struct_conn.ptnr1_auth_asym_id 
_struct_conn.ptnr1_auth_comp_id 
_struct_conn.ptnr1_auth_seq_id 
_struct_conn.ptnr2_auth_asym_id 
_struct_conn.ptnr2_auth_comp_id 
_struct_conn.ptnr2_auth_seq_id 
_struct_conn.ptnr2_symmetry 
_struct_conn.pdbx_ptnr3_label_atom_id 
_struct_conn.pdbx_ptnr3_label_seq_id 
_struct_conn.pdbx_ptnr3_label_comp_id 
_struct_conn.pdbx_ptnr3_label_asym_id 
_struct_conn.pdbx_ptnr3_label_alt_id 
_struct_conn.pdbx_ptnr3_PDB_ins_code 
_struct_conn.details 
_struct_conn.pdbx_dist_value 
_struct_conn.pdbx_value_order 
_struct_conn.pdbx_role 
covale1 covale both ? A MSE 1  C ? ? ? 1_555 A ASN 2  N ? ? A MSE 1  A ASN 2  1_555 ? ? ? ? ? ? ? 1.329 ? ? 
covale2 covale both ? A PHE 65 C ? ? ? 1_555 A MSE 66 N ? ? A PHE 65 A MSE 66 1_555 ? ? ? ? ? ? ? 1.330 ? ? 
covale3 covale both ? A MSE 66 C ? ? ? 1_555 A GLY 67 N ? ? A MSE 66 A GLY 67 1_555 ? ? ? ? ? ? ? 1.332 ? ? 
# 
_struct_conn_type.id          covale 
_struct_conn_type.criteria    ? 
_struct_conn_type.reference   ? 
# 
loop_
_pdbx_modification_feature.ordinal 
_pdbx_modification_feature.label_comp_id 
_pdbx_modification_feature.label_asym_id 
_pdbx_modification_feature.label_seq_id 
_pdbx_modification_feature.label_alt_id 
_pdbx_modification_feature.modified_residue_label_comp_id 
_pdbx_modification_feature.modified_residue_label_asym_id 
_pdbx_modification_feature.modified_residue_label_seq_id 
_pdbx_modification_feature.modified_residue_label_alt_id 
_pdbx_modification_feature.auth_comp_id 
_pdbx_modification_feature.auth_asym_id 
_pdbx_modification_feature.auth_seq_id 
_pdbx_modification_feature.PDB_ins_code 
_pdbx_modification_feature.symmetry 
_pdbx_modification_feature.modified_residue_auth_comp_id 
_pdbx_modification_feature.modified_residue_auth_asym_id 
_pdbx_modification_feature.modified_residue_auth_seq_id 
_pdbx_modification_feature.modified_residue_PDB_ins_code 
_pdbx_modification_feature.modified_residue_symmetry 
_pdbx_modification_feature.comp_id_linking_atom 
_pdbx_modification_feature.modified_residue_id_linking_atom 
_pdbx_modification_feature.modified_residue_id 
_pdbx_modification_feature.ref_pcm_id 
_pdbx_modification_feature.ref_comp_id 
_pdbx_modification_feature.type 
_pdbx_modification_feature.category 
1 MSE A 1  ? . . . . MSE A 1  ? 1_555 . . . . . . . MET 1 MSE Selenomethionine 'Named protein modification' 
2 MSE A 66 ? . . . . MSE A 66 ? 1_555 . . . . . . . MET 1 MSE Selenomethionine 'Named protein modification' 
# 
loop_
_struct_sheet.id 
_struct_sheet.type 
_struct_sheet.number_strands 
_struct_sheet.details 
A ? 5 ? 
B ? 2 ? 
# 
loop_
_struct_sheet_order.sheet_id 
_struct_sheet_order.range_id_1 
_struct_sheet_order.range_id_2 
_struct_sheet_order.offset 
_struct_sheet_order.sense 
A 1 2 ? anti-parallel 
A 2 3 ? parallel      
A 3 4 ? anti-parallel 
A 4 5 ? anti-parallel 
B 1 2 ? anti-parallel 
# 
loop_
_struct_sheet_range.sheet_id 
_struct_sheet_range.id 
_struct_sheet_range.beg_label_comp_id 
_struct_sheet_range.beg_label_asym_id 
_struct_sheet_range.beg_label_seq_id 
_struct_sheet_range.pdbx_beg_PDB_ins_code 
_struct_sheet_range.end_label_comp_id 
_struct_sheet_range.end_label_asym_id 
_struct_sheet_range.end_label_seq_id 
_struct_sheet_range.pdbx_end_PDB_ins_code 
_struct_sheet_range.beg_auth_comp_id 
_struct_sheet_range.beg_auth_asym_id 
_struct_sheet_range.beg_auth_seq_id 
_struct_sheet_range.end_auth_comp_id 
_struct_sheet_range.end_auth_asym_id 
_struct_sheet_range.end_auth_seq_id 
A 1 LYS A 8  ? THR A 11 ? LYS A 8  THR A 11 
A 2 ASN A 2  ? VAL A 5  ? ASN A 2  VAL A 5  
A 3 ALA A 59 ? LEU A 63 ? ALA A 59 LEU A 63 
A 4 THR A 36 ? LEU A 39 ? THR A 36 LEU A 39 
A 5 GLU A 42 ? VAL A 43 ? GLU A 42 VAL A 43 
B 1 SER A 17 ? ASN A 19 ? SER A 17 ASN A 19 
B 2 THR A 53 ? LYS A 55 ? THR A 53 LYS A 55 
# 
loop_
_pdbx_struct_sheet_hbond.sheet_id 
_pdbx_struct_sheet_hbond.range_id_1 
_pdbx_struct_sheet_hbond.range_id_2 
_pdbx_struct_sheet_hbond.range_1_label_atom_id 
_pdbx_struct_sheet_hbond.range_1_label_comp_id 
_pdbx_struct_sheet_hbond.range_1_label_asym_id 
_pdbx_struct_sheet_hbond.range_1_label_seq_id 
_pdbx_struct_sheet_hbond.range_1_PDB_ins_code 
_pdbx_struct_sheet_hbond.range_1_auth_atom_id 
_pdbx_struct_sheet_hbond.range_1_auth_comp_id 
_pdbx_struct_sheet_hbond.range_1_auth_asym_id 
_pdbx_struct_sheet_hbond.range_1_auth_seq_id 
_pdbx_struct_sheet_hbond.range_2_label_atom_id 
_pdbx_struct_sheet_hbond.range_2_label_comp_id 
_pdbx_struct_sheet_hbond.range_2_label_asym_id 
_pdbx_struct_sheet_hbond.range_2_label_seq_id 
_pdbx_struct_sheet_hbond.range_2_PDB_ins_code 
_pdbx_struct_sheet_hbond.range_2_auth_atom_id 
_pdbx_struct_sheet_hbond.range_2_auth_comp_id 
_pdbx_struct_sheet_hbond.range_2_auth_asym_id 
_pdbx_struct_sheet_hbond.range_2_auth_seq_id 
A 1 2 O LYS A 8  ? O LYS A 8  N VAL A 5  ? N VAL A 5  
A 2 3 N THR A 4  ? N THR A 4  O VAL A 60 ? O VAL A 60 
A 3 4 O LEU A 63 ? O LEU A 63 N THR A 36 ? N THR A 36 
A 4 5 N LEU A 39 ? N LEU A 39 O GLU A 42 ? O GLU A 42 
B 1 2 N LEU A 18 ? N LEU A 18 O VAL A 54 ? O VAL A 54 
# 
_pdbx_entry_details.entry_id                   3CWI 
_pdbx_entry_details.compound_details           ? 
_pdbx_entry_details.source_details             ? 
_pdbx_entry_details.nonpolymer_details         ? 
_pdbx_entry_details.sequence_details           ? 
_pdbx_entry_details.has_ligand_of_interest     ? 
_pdbx_entry_details.has_protein_modification   Y 
# 
_pdbx_validate_symm_contact.id                1 
_pdbx_validate_symm_contact.PDB_model_num     1 
_pdbx_validate_symm_contact.auth_atom_id_1    O 
_pdbx_validate_symm_contact.auth_asym_id_1    A 
_pdbx_validate_symm_contact.auth_comp_id_1    HOH 
_pdbx_validate_symm_contact.auth_seq_id_1     117 
_pdbx_validate_symm_contact.PDB_ins_code_1    ? 
_pdbx_validate_symm_contact.label_alt_id_1    ? 
_pdbx_validate_symm_contact.site_symmetry_1   1_555 
_pdbx_validate_symm_contact.auth_atom_id_2    O 
_pdbx_validate_symm_contact.auth_asym_id_2    A 
_pdbx_validate_symm_contact.auth_comp_id_2    HOH 
_pdbx_validate_symm_contact.auth_seq_id_2     117 
_pdbx_validate_symm_contact.PDB_ins_code_2    ? 
_pdbx_validate_symm_contact.label_alt_id_2    ? 
_pdbx_validate_symm_contact.site_symmetry_2   7_556 
_pdbx_validate_symm_contact.dist              2.05 
# 
_pdbx_SG_project.id                    1 
_pdbx_SG_project.project_name          'PSI, Protein Structure Initiative' 
_pdbx_SG_project.full_name_of_center   'Northeast Structural Genomics Consortium' 
_pdbx_SG_project.initial_of_center     NESG 
# 
loop_
_pdbx_struct_mod_residue.id 
_pdbx_struct_mod_residue.label_asym_id 
_pdbx_struct_mod_residue.label_comp_id 
_pdbx_struct_mod_residue.label_seq_id 
_pdbx_struct_mod_residue.auth_asym_id 
_pdbx_struct_mod_residue.auth_comp_id 
_pdbx_struct_mod_residue.auth_seq_id 
_pdbx_struct_mod_residue.PDB_ins_code 
_pdbx_struct_mod_residue.parent_comp_id 
_pdbx_struct_mod_residue.details 
1 A MSE 1  A MSE 1  ? MET SELENOMETHIONINE 
2 A MSE 66 A MSE 66 ? MET SELENOMETHIONINE 
# 
loop_
_pdbx_unobs_or_zero_occ_residues.id 
_pdbx_unobs_or_zero_occ_residues.PDB_model_num 
_pdbx_unobs_or_zero_occ_residues.polymer_flag 
_pdbx_unobs_or_zero_occ_residues.occupancy_flag 
_pdbx_unobs_or_zero_occ_residues.auth_asym_id 
_pdbx_unobs_or_zero_occ_residues.auth_comp_id 
_pdbx_unobs_or_zero_occ_residues.auth_seq_id 
_pdbx_unobs_or_zero_occ_residues.PDB_ins_code 
_pdbx_unobs_or_zero_occ_residues.label_asym_id 
_pdbx_unobs_or_zero_occ_residues.label_comp_id 
_pdbx_unobs_or_zero_occ_residues.label_seq_id 
1 1 Y 1 A LYS 70 ? A LYS 70 
2 1 Y 1 A LEU 71 ? A LEU 71 
3 1 Y 1 A GLU 72 ? A GLU 72 
4 1 Y 1 A HIS 73 ? A HIS 73 
5 1 Y 1 A HIS 74 ? A HIS 74 
6 1 Y 1 A HIS 75 ? A HIS 75 
7 1 Y 1 A HIS 76 ? A HIS 76 
8 1 Y 1 A HIS 77 ? A HIS 77 
9 1 Y 1 A HIS 78 ? A HIS 78 
# 
loop_
_chem_comp_atom.comp_id 
_chem_comp_atom.atom_id 
_chem_comp_atom.type_symbol 
_chem_comp_atom.pdbx_aromatic_flag 
_chem_comp_atom.pdbx_stereo_config 
_chem_comp_atom.pdbx_ordinal 
ALA N    N  N N 1   
ALA CA   C  N S 2   
ALA C    C  N N 3   
ALA O    O  N N 4   
ALA CB   C  N N 5   
ALA OXT  O  N N 6   
ALA H    H  N N 7   
ALA H2   H  N N 8   
ALA HA   H  N N 9   
ALA HB1  H  N N 10  
ALA HB2  H  N N 11  
ALA HB3  H  N N 12  
ALA HXT  H  N N 13  
ARG N    N  N N 14  
ARG CA   C  N S 15  
ARG C    C  N N 16  
ARG O    O  N N 17  
ARG CB   C  N N 18  
ARG CG   C  N N 19  
ARG CD   C  N N 20  
ARG NE   N  N N 21  
ARG CZ   C  N N 22  
ARG NH1  N  N N 23  
ARG NH2  N  N N 24  
ARG OXT  O  N N 25  
ARG H    H  N N 26  
ARG H2   H  N N 27  
ARG HA   H  N N 28  
ARG HB2  H  N N 29  
ARG HB3  H  N N 30  
ARG HG2  H  N N 31  
ARG HG3  H  N N 32  
ARG HD2  H  N N 33  
ARG HD3  H  N N 34  
ARG HE   H  N N 35  
ARG HH11 H  N N 36  
ARG HH12 H  N N 37  
ARG HH21 H  N N 38  
ARG HH22 H  N N 39  
ARG HXT  H  N N 40  
ASN N    N  N N 41  
ASN CA   C  N S 42  
ASN C    C  N N 43  
ASN O    O  N N 44  
ASN CB   C  N N 45  
ASN CG   C  N N 46  
ASN OD1  O  N N 47  
ASN ND2  N  N N 48  
ASN OXT  O  N N 49  
ASN H    H  N N 50  
ASN H2   H  N N 51  
ASN HA   H  N N 52  
ASN HB2  H  N N 53  
ASN HB3  H  N N 54  
ASN HD21 H  N N 55  
ASN HD22 H  N N 56  
ASN HXT  H  N N 57  
ASP N    N  N N 58  
ASP CA   C  N S 59  
ASP C    C  N N 60  
ASP O    O  N N 61  
ASP CB   C  N N 62  
ASP CG   C  N N 63  
ASP OD1  O  N N 64  
ASP OD2  O  N N 65  
ASP OXT  O  N N 66  
ASP H    H  N N 67  
ASP H2   H  N N 68  
ASP HA   H  N N 69  
ASP HB2  H  N N 70  
ASP HB3  H  N N 71  
ASP HD2  H  N N 72  
ASP HXT  H  N N 73  
GLN N    N  N N 74  
GLN CA   C  N S 75  
GLN C    C  N N 76  
GLN O    O  N N 77  
GLN CB   C  N N 78  
GLN CG   C  N N 79  
GLN CD   C  N N 80  
GLN OE1  O  N N 81  
GLN NE2  N  N N 82  
GLN OXT  O  N N 83  
GLN H    H  N N 84  
GLN H2   H  N N 85  
GLN HA   H  N N 86  
GLN HB2  H  N N 87  
GLN HB3  H  N N 88  
GLN HG2  H  N N 89  
GLN HG3  H  N N 90  
GLN HE21 H  N N 91  
GLN HE22 H  N N 92  
GLN HXT  H  N N 93  
GLU N    N  N N 94  
GLU CA   C  N S 95  
GLU C    C  N N 96  
GLU O    O  N N 97  
GLU CB   C  N N 98  
GLU CG   C  N N 99  
GLU CD   C  N N 100 
GLU OE1  O  N N 101 
GLU OE2  O  N N 102 
GLU OXT  O  N N 103 
GLU H    H  N N 104 
GLU H2   H  N N 105 
GLU HA   H  N N 106 
GLU HB2  H  N N 107 
GLU HB3  H  N N 108 
GLU HG2  H  N N 109 
GLU HG3  H  N N 110 
GLU HE2  H  N N 111 
GLU HXT  H  N N 112 
GLY N    N  N N 113 
GLY CA   C  N N 114 
GLY C    C  N N 115 
GLY O    O  N N 116 
GLY OXT  O  N N 117 
GLY H    H  N N 118 
GLY H2   H  N N 119 
GLY HA2  H  N N 120 
GLY HA3  H  N N 121 
GLY HXT  H  N N 122 
HIS N    N  N N 123 
HIS CA   C  N S 124 
HIS C    C  N N 125 
HIS O    O  N N 126 
HIS CB   C  N N 127 
HIS CG   C  Y N 128 
HIS ND1  N  Y N 129 
HIS CD2  C  Y N 130 
HIS CE1  C  Y N 131 
HIS NE2  N  Y N 132 
HIS OXT  O  N N 133 
HIS H    H  N N 134 
HIS H2   H  N N 135 
HIS HA   H  N N 136 
HIS HB2  H  N N 137 
HIS HB3  H  N N 138 
HIS HD1  H  N N 139 
HIS HD2  H  N N 140 
HIS HE1  H  N N 141 
HIS HE2  H  N N 142 
HIS HXT  H  N N 143 
HOH O    O  N N 144 
HOH H1   H  N N 145 
HOH H2   H  N N 146 
LEU N    N  N N 147 
LEU CA   C  N S 148 
LEU C    C  N N 149 
LEU O    O  N N 150 
LEU CB   C  N N 151 
LEU CG   C  N N 152 
LEU CD1  C  N N 153 
LEU CD2  C  N N 154 
LEU OXT  O  N N 155 
LEU H    H  N N 156 
LEU H2   H  N N 157 
LEU HA   H  N N 158 
LEU HB2  H  N N 159 
LEU HB3  H  N N 160 
LEU HG   H  N N 161 
LEU HD11 H  N N 162 
LEU HD12 H  N N 163 
LEU HD13 H  N N 164 
LEU HD21 H  N N 165 
LEU HD22 H  N N 166 
LEU HD23 H  N N 167 
LEU HXT  H  N N 168 
LYS N    N  N N 169 
LYS CA   C  N S 170 
LYS C    C  N N 171 
LYS O    O  N N 172 
LYS CB   C  N N 173 
LYS CG   C  N N 174 
LYS CD   C  N N 175 
LYS CE   C  N N 176 
LYS NZ   N  N N 177 
LYS OXT  O  N N 178 
LYS H    H  N N 179 
LYS H2   H  N N 180 
LYS HA   H  N N 181 
LYS HB2  H  N N 182 
LYS HB3  H  N N 183 
LYS HG2  H  N N 184 
LYS HG3  H  N N 185 
LYS HD2  H  N N 186 
LYS HD3  H  N N 187 
LYS HE2  H  N N 188 
LYS HE3  H  N N 189 
LYS HZ1  H  N N 190 
LYS HZ2  H  N N 191 
LYS HZ3  H  N N 192 
LYS HXT  H  N N 193 
MSE N    N  N N 194 
MSE CA   C  N S 195 
MSE C    C  N N 196 
MSE O    O  N N 197 
MSE OXT  O  N N 198 
MSE CB   C  N N 199 
MSE CG   C  N N 200 
MSE SE   SE N N 201 
MSE CE   C  N N 202 
MSE H    H  N N 203 
MSE H2   H  N N 204 
MSE HA   H  N N 205 
MSE HXT  H  N N 206 
MSE HB2  H  N N 207 
MSE HB3  H  N N 208 
MSE HG2  H  N N 209 
MSE HG3  H  N N 210 
MSE HE1  H  N N 211 
MSE HE2  H  N N 212 
MSE HE3  H  N N 213 
PHE N    N  N N 214 
PHE CA   C  N S 215 
PHE C    C  N N 216 
PHE O    O  N N 217 
PHE CB   C  N N 218 
PHE CG   C  Y N 219 
PHE CD1  C  Y N 220 
PHE CD2  C  Y N 221 
PHE CE1  C  Y N 222 
PHE CE2  C  Y N 223 
PHE CZ   C  Y N 224 
PHE OXT  O  N N 225 
PHE H    H  N N 226 
PHE H2   H  N N 227 
PHE HA   H  N N 228 
PHE HB2  H  N N 229 
PHE HB3  H  N N 230 
PHE HD1  H  N N 231 
PHE HD2  H  N N 232 
PHE HE1  H  N N 233 
PHE HE2  H  N N 234 
PHE HZ   H  N N 235 
PHE HXT  H  N N 236 
PRO N    N  N N 237 
PRO CA   C  N S 238 
PRO C    C  N N 239 
PRO O    O  N N 240 
PRO CB   C  N N 241 
PRO CG   C  N N 242 
PRO CD   C  N N 243 
PRO OXT  O  N N 244 
PRO H    H  N N 245 
PRO HA   H  N N 246 
PRO HB2  H  N N 247 
PRO HB3  H  N N 248 
PRO HG2  H  N N 249 
PRO HG3  H  N N 250 
PRO HD2  H  N N 251 
PRO HD3  H  N N 252 
PRO HXT  H  N N 253 
SER N    N  N N 254 
SER CA   C  N S 255 
SER C    C  N N 256 
SER O    O  N N 257 
SER CB   C  N N 258 
SER OG   O  N N 259 
SER OXT  O  N N 260 
SER H    H  N N 261 
SER H2   H  N N 262 
SER HA   H  N N 263 
SER HB2  H  N N 264 
SER HB3  H  N N 265 
SER HG   H  N N 266 
SER HXT  H  N N 267 
THR N    N  N N 268 
THR CA   C  N S 269 
THR C    C  N N 270 
THR O    O  N N 271 
THR CB   C  N R 272 
THR OG1  O  N N 273 
THR CG2  C  N N 274 
THR OXT  O  N N 275 
THR H    H  N N 276 
THR H2   H  N N 277 
THR HA   H  N N 278 
THR HB   H  N N 279 
THR HG1  H  N N 280 
THR HG21 H  N N 281 
THR HG22 H  N N 282 
THR HG23 H  N N 283 
THR HXT  H  N N 284 
TYR N    N  N N 285 
TYR CA   C  N S 286 
TYR C    C  N N 287 
TYR O    O  N N 288 
TYR CB   C  N N 289 
TYR CG   C  Y N 290 
TYR CD1  C  Y N 291 
TYR CD2  C  Y N 292 
TYR CE1  C  Y N 293 
TYR CE2  C  Y N 294 
TYR CZ   C  Y N 295 
TYR OH   O  N N 296 
TYR OXT  O  N N 297 
TYR H    H  N N 298 
TYR H2   H  N N 299 
TYR HA   H  N N 300 
TYR HB2  H  N N 301 
TYR HB3  H  N N 302 
TYR HD1  H  N N 303 
TYR HD2  H  N N 304 
TYR HE1  H  N N 305 
TYR HE2  H  N N 306 
TYR HH   H  N N 307 
TYR HXT  H  N N 308 
VAL N    N  N N 309 
VAL CA   C  N S 310 
VAL C    C  N N 311 
VAL O    O  N N 312 
VAL CB   C  N N 313 
VAL CG1  C  N N 314 
VAL CG2  C  N N 315 
VAL OXT  O  N N 316 
VAL H    H  N N 317 
VAL H2   H  N N 318 
VAL HA   H  N N 319 
VAL HB   H  N N 320 
VAL HG11 H  N N 321 
VAL HG12 H  N N 322 
VAL HG13 H  N N 323 
VAL HG21 H  N N 324 
VAL HG22 H  N N 325 
VAL HG23 H  N N 326 
VAL HXT  H  N N 327 
# 
loop_
_chem_comp_bond.comp_id 
_chem_comp_bond.atom_id_1 
_chem_comp_bond.atom_id_2 
_chem_comp_bond.value_order 
_chem_comp_bond.pdbx_aromatic_flag 
_chem_comp_bond.pdbx_stereo_config 
_chem_comp_bond.pdbx_ordinal 
ALA N   CA   sing N N 1   
ALA N   H    sing N N 2   
ALA N   H2   sing N N 3   
ALA CA  C    sing N N 4   
ALA CA  CB   sing N N 5   
ALA CA  HA   sing N N 6   
ALA C   O    doub N N 7   
ALA C   OXT  sing N N 8   
ALA CB  HB1  sing N N 9   
ALA CB  HB2  sing N N 10  
ALA CB  HB3  sing N N 11  
ALA OXT HXT  sing N N 12  
ARG N   CA   sing N N 13  
ARG N   H    sing N N 14  
ARG N   H2   sing N N 15  
ARG CA  C    sing N N 16  
ARG CA  CB   sing N N 17  
ARG CA  HA   sing N N 18  
ARG C   O    doub N N 19  
ARG C   OXT  sing N N 20  
ARG CB  CG   sing N N 21  
ARG CB  HB2  sing N N 22  
ARG CB  HB3  sing N N 23  
ARG CG  CD   sing N N 24  
ARG CG  HG2  sing N N 25  
ARG CG  HG3  sing N N 26  
ARG CD  NE   sing N N 27  
ARG CD  HD2  sing N N 28  
ARG CD  HD3  sing N N 29  
ARG NE  CZ   sing N N 30  
ARG NE  HE   sing N N 31  
ARG CZ  NH1  sing N N 32  
ARG CZ  NH2  doub N N 33  
ARG NH1 HH11 sing N N 34  
ARG NH1 HH12 sing N N 35  
ARG NH2 HH21 sing N N 36  
ARG NH2 HH22 sing N N 37  
ARG OXT HXT  sing N N 38  
ASN N   CA   sing N N 39  
ASN N   H    sing N N 40  
ASN N   H2   sing N N 41  
ASN CA  C    sing N N 42  
ASN CA  CB   sing N N 43  
ASN CA  HA   sing N N 44  
ASN C   O    doub N N 45  
ASN C   OXT  sing N N 46  
ASN CB  CG   sing N N 47  
ASN CB  HB2  sing N N 48  
ASN CB  HB3  sing N N 49  
ASN CG  OD1  doub N N 50  
ASN CG  ND2  sing N N 51  
ASN ND2 HD21 sing N N 52  
ASN ND2 HD22 sing N N 53  
ASN OXT HXT  sing N N 54  
ASP N   CA   sing N N 55  
ASP N   H    sing N N 56  
ASP N   H2   sing N N 57  
ASP CA  C    sing N N 58  
ASP CA  CB   sing N N 59  
ASP CA  HA   sing N N 60  
ASP C   O    doub N N 61  
ASP C   OXT  sing N N 62  
ASP CB  CG   sing N N 63  
ASP CB  HB2  sing N N 64  
ASP CB  HB3  sing N N 65  
ASP CG  OD1  doub N N 66  
ASP CG  OD2  sing N N 67  
ASP OD2 HD2  sing N N 68  
ASP OXT HXT  sing N N 69  
GLN N   CA   sing N N 70  
GLN N   H    sing N N 71  
GLN N   H2   sing N N 72  
GLN CA  C    sing N N 73  
GLN CA  CB   sing N N 74  
GLN CA  HA   sing N N 75  
GLN C   O    doub N N 76  
GLN C   OXT  sing N N 77  
GLN CB  CG   sing N N 78  
GLN CB  HB2  sing N N 79  
GLN CB  HB3  sing N N 80  
GLN CG  CD   sing N N 81  
GLN CG  HG2  sing N N 82  
GLN CG  HG3  sing N N 83  
GLN CD  OE1  doub N N 84  
GLN CD  NE2  sing N N 85  
GLN NE2 HE21 sing N N 86  
GLN NE2 HE22 sing N N 87  
GLN OXT HXT  sing N N 88  
GLU N   CA   sing N N 89  
GLU N   H    sing N N 90  
GLU N   H2   sing N N 91  
GLU CA  C    sing N N 92  
GLU CA  CB   sing N N 93  
GLU CA  HA   sing N N 94  
GLU C   O    doub N N 95  
GLU C   OXT  sing N N 96  
GLU CB  CG   sing N N 97  
GLU CB  HB2  sing N N 98  
GLU CB  HB3  sing N N 99  
GLU CG  CD   sing N N 100 
GLU CG  HG2  sing N N 101 
GLU CG  HG3  sing N N 102 
GLU CD  OE1  doub N N 103 
GLU CD  OE2  sing N N 104 
GLU OE2 HE2  sing N N 105 
GLU OXT HXT  sing N N 106 
GLY N   CA   sing N N 107 
GLY N   H    sing N N 108 
GLY N   H2   sing N N 109 
GLY CA  C    sing N N 110 
GLY CA  HA2  sing N N 111 
GLY CA  HA3  sing N N 112 
GLY C   O    doub N N 113 
GLY C   OXT  sing N N 114 
GLY OXT HXT  sing N N 115 
HIS N   CA   sing N N 116 
HIS N   H    sing N N 117 
HIS N   H2   sing N N 118 
HIS CA  C    sing N N 119 
HIS CA  CB   sing N N 120 
HIS CA  HA   sing N N 121 
HIS C   O    doub N N 122 
HIS C   OXT  sing N N 123 
HIS CB  CG   sing N N 124 
HIS CB  HB2  sing N N 125 
HIS CB  HB3  sing N N 126 
HIS CG  ND1  sing Y N 127 
HIS CG  CD2  doub Y N 128 
HIS ND1 CE1  doub Y N 129 
HIS ND1 HD1  sing N N 130 
HIS CD2 NE2  sing Y N 131 
HIS CD2 HD2  sing N N 132 
HIS CE1 NE2  sing Y N 133 
HIS CE1 HE1  sing N N 134 
HIS NE2 HE2  sing N N 135 
HIS OXT HXT  sing N N 136 
HOH O   H1   sing N N 137 
HOH O   H2   sing N N 138 
LEU N   CA   sing N N 139 
LEU N   H    sing N N 140 
LEU N   H2   sing N N 141 
LEU CA  C    sing N N 142 
LEU CA  CB   sing N N 143 
LEU CA  HA   sing N N 144 
LEU C   O    doub N N 145 
LEU C   OXT  sing N N 146 
LEU CB  CG   sing N N 147 
LEU CB  HB2  sing N N 148 
LEU CB  HB3  sing N N 149 
LEU CG  CD1  sing N N 150 
LEU CG  CD2  sing N N 151 
LEU CG  HG   sing N N 152 
LEU CD1 HD11 sing N N 153 
LEU CD1 HD12 sing N N 154 
LEU CD1 HD13 sing N N 155 
LEU CD2 HD21 sing N N 156 
LEU CD2 HD22 sing N N 157 
LEU CD2 HD23 sing N N 158 
LEU OXT HXT  sing N N 159 
LYS N   CA   sing N N 160 
LYS N   H    sing N N 161 
LYS N   H2   sing N N 162 
LYS CA  C    sing N N 163 
LYS CA  CB   sing N N 164 
LYS CA  HA   sing N N 165 
LYS C   O    doub N N 166 
LYS C   OXT  sing N N 167 
LYS CB  CG   sing N N 168 
LYS CB  HB2  sing N N 169 
LYS CB  HB3  sing N N 170 
LYS CG  CD   sing N N 171 
LYS CG  HG2  sing N N 172 
LYS CG  HG3  sing N N 173 
LYS CD  CE   sing N N 174 
LYS CD  HD2  sing N N 175 
LYS CD  HD3  sing N N 176 
LYS CE  NZ   sing N N 177 
LYS CE  HE2  sing N N 178 
LYS CE  HE3  sing N N 179 
LYS NZ  HZ1  sing N N 180 
LYS NZ  HZ2  sing N N 181 
LYS NZ  HZ3  sing N N 182 
LYS OXT HXT  sing N N 183 
MSE N   CA   sing N N 184 
MSE N   H    sing N N 185 
MSE N   H2   sing N N 186 
MSE CA  C    sing N N 187 
MSE CA  CB   sing N N 188 
MSE CA  HA   sing N N 189 
MSE C   O    doub N N 190 
MSE C   OXT  sing N N 191 
MSE OXT HXT  sing N N 192 
MSE CB  CG   sing N N 193 
MSE CB  HB2  sing N N 194 
MSE CB  HB3  sing N N 195 
MSE CG  SE   sing N N 196 
MSE CG  HG2  sing N N 197 
MSE CG  HG3  sing N N 198 
MSE SE  CE   sing N N 199 
MSE CE  HE1  sing N N 200 
MSE CE  HE2  sing N N 201 
MSE CE  HE3  sing N N 202 
PHE N   CA   sing N N 203 
PHE N   H    sing N N 204 
PHE N   H2   sing N N 205 
PHE CA  C    sing N N 206 
PHE CA  CB   sing N N 207 
PHE CA  HA   sing N N 208 
PHE C   O    doub N N 209 
PHE C   OXT  sing N N 210 
PHE CB  CG   sing N N 211 
PHE CB  HB2  sing N N 212 
PHE CB  HB3  sing N N 213 
PHE CG  CD1  doub Y N 214 
PHE CG  CD2  sing Y N 215 
PHE CD1 CE1  sing Y N 216 
PHE CD1 HD1  sing N N 217 
PHE CD2 CE2  doub Y N 218 
PHE CD2 HD2  sing N N 219 
PHE CE1 CZ   doub Y N 220 
PHE CE1 HE1  sing N N 221 
PHE CE2 CZ   sing Y N 222 
PHE CE2 HE2  sing N N 223 
PHE CZ  HZ   sing N N 224 
PHE OXT HXT  sing N N 225 
PRO N   CA   sing N N 226 
PRO N   CD   sing N N 227 
PRO N   H    sing N N 228 
PRO CA  C    sing N N 229 
PRO CA  CB   sing N N 230 
PRO CA  HA   sing N N 231 
PRO C   O    doub N N 232 
PRO C   OXT  sing N N 233 
PRO CB  CG   sing N N 234 
PRO CB  HB2  sing N N 235 
PRO CB  HB3  sing N N 236 
PRO CG  CD   sing N N 237 
PRO CG  HG2  sing N N 238 
PRO CG  HG3  sing N N 239 
PRO CD  HD2  sing N N 240 
PRO CD  HD3  sing N N 241 
PRO OXT HXT  sing N N 242 
SER N   CA   sing N N 243 
SER N   H    sing N N 244 
SER N   H2   sing N N 245 
SER CA  C    sing N N 246 
SER CA  CB   sing N N 247 
SER CA  HA   sing N N 248 
SER C   O    doub N N 249 
SER C   OXT  sing N N 250 
SER CB  OG   sing N N 251 
SER CB  HB2  sing N N 252 
SER CB  HB3  sing N N 253 
SER OG  HG   sing N N 254 
SER OXT HXT  sing N N 255 
THR N   CA   sing N N 256 
THR N   H    sing N N 257 
THR N   H2   sing N N 258 
THR CA  C    sing N N 259 
THR CA  CB   sing N N 260 
THR CA  HA   sing N N 261 
THR C   O    doub N N 262 
THR C   OXT  sing N N 263 
THR CB  OG1  sing N N 264 
THR CB  CG2  sing N N 265 
THR CB  HB   sing N N 266 
THR OG1 HG1  sing N N 267 
THR CG2 HG21 sing N N 268 
THR CG2 HG22 sing N N 269 
THR CG2 HG23 sing N N 270 
THR OXT HXT  sing N N 271 
TYR N   CA   sing N N 272 
TYR N   H    sing N N 273 
TYR N   H2   sing N N 274 
TYR CA  C    sing N N 275 
TYR CA  CB   sing N N 276 
TYR CA  HA   sing N N 277 
TYR C   O    doub N N 278 
TYR C   OXT  sing N N 279 
TYR CB  CG   sing N N 280 
TYR CB  HB2  sing N N 281 
TYR CB  HB3  sing N N 282 
TYR CG  CD1  doub Y N 283 
TYR CG  CD2  sing Y N 284 
TYR CD1 CE1  sing Y N 285 
TYR CD1 HD1  sing N N 286 
TYR CD2 CE2  doub Y N 287 
TYR CD2 HD2  sing N N 288 
TYR CE1 CZ   doub Y N 289 
TYR CE1 HE1  sing N N 290 
TYR CE2 CZ   sing Y N 291 
TYR CE2 HE2  sing N N 292 
TYR CZ  OH   sing N N 293 
TYR OH  HH   sing N N 294 
TYR OXT HXT  sing N N 295 
VAL N   CA   sing N N 296 
VAL N   H    sing N N 297 
VAL N   H2   sing N N 298 
VAL CA  C    sing N N 299 
VAL CA  CB   sing N N 300 
VAL CA  HA   sing N N 301 
VAL C   O    doub N N 302 
VAL C   OXT  sing N N 303 
VAL CB  CG1  sing N N 304 
VAL CB  CG2  sing N N 305 
VAL CB  HB   sing N N 306 
VAL CG1 HG11 sing N N 307 
VAL CG1 HG12 sing N N 308 
VAL CG1 HG13 sing N N 309 
VAL CG2 HG21 sing N N 310 
VAL CG2 HG22 sing N N 311 
VAL CG2 HG23 sing N N 312 
VAL OXT HXT  sing N N 313 
# 
_atom_sites.entry_id                    3CWI 
_atom_sites.fract_transf_matrix[1][1]   0.01772808 
_atom_sites.fract_transf_matrix[1][2]   -0.00145251 
_atom_sites.fract_transf_matrix[1][3]   -0.01671832 
_atom_sites.fract_transf_matrix[2][1]   0.00039924 
_atom_sites.fract_transf_matrix[2][2]   -0.02427600 
_atom_sites.fract_transf_matrix[2][3]   0.00253248 
_atom_sites.fract_transf_matrix[3][1]   -0.00767594 
_atom_sites.fract_transf_matrix[3][2]   -0.00096660 
_atom_sites.fract_transf_matrix[3][3]   -0.00805557 
_atom_sites.fract_transf_vector[1]      0.909656 
_atom_sites.fract_transf_vector[2]      0.470797 
_atom_sites.fract_transf_vector[3]      0.393399 
# 
loop_
_atom_type.symbol 
C  
N  
O  
SE 
# 
loop_
_atom_site.group_PDB 
_atom_site.id 
_atom_site.type_symbol 
_atom_site.label_atom_id 
_atom_site.label_alt_id 
_atom_site.label_comp_id 
_atom_site.label_asym_id 
_atom_site.label_entity_id 
_atom_site.label_seq_id 
_atom_site.pdbx_PDB_ins_code 
_atom_site.Cartn_x 
_atom_site.Cartn_y 
_atom_site.Cartn_z 
_atom_site.occupancy 
_atom_site.B_iso_or_equiv 
_atom_site.pdbx_formal_charge 
_atom_site.auth_seq_id 
_atom_site.auth_comp_id 
_atom_site.auth_asym_id 
_atom_site.auth_atom_id 
_atom_site.pdbx_PDB_model_num 
HETATM 1   N  N   . MSE A 1 1  ? -14.773 1.622   -1.007  1.00 35.75 ? 1   MSE A N   1 
HETATM 2   C  CA  . MSE A 1 1  ? -14.139 1.670   0.345   1.00 31.81 ? 1   MSE A CA  1 
HETATM 3   C  C   . MSE A 1 1  ? -13.255 2.909   0.459   1.00 22.97 ? 1   MSE A C   1 
HETATM 4   O  O   . MSE A 1 1  ? -12.720 3.389   -0.538  1.00 26.42 ? 1   MSE A O   1 
HETATM 5   C  CB  . MSE A 1 1  ? -13.293 0.411   0.578   1.00 35.29 ? 1   MSE A CB  1 
HETATM 6   C  CG  . MSE A 1 1  ? -12.123 0.262   -0.381  1.00 34.31 ? 1   MSE A CG  1 
HETATM 7   SE SE  . MSE A 1 1  ? -10.906 -1.178  0.106   1.00 54.83 ? 1   MSE A SE  1 
HETATM 8   C  CE  . MSE A 1 1  ? -9.747  -0.207  1.306   1.00 46.95 ? 1   MSE A CE  1 
ATOM   9   N  N   . ASN A 1 2  ? -13.110 3.421   1.677   1.00 21.16 ? 2   ASN A N   1 
ATOM   10  C  CA  . ASN A 1 2  ? -12.295 4.601   1.913   1.00 22.75 ? 2   ASN A CA  1 
ATOM   11  C  C   . ASN A 1 2  ? -11.009 4.254   2.628   1.00 25.63 ? 2   ASN A C   1 
ATOM   12  O  O   . ASN A 1 2  ? -11.004 3.432   3.542   1.00 24.20 ? 2   ASN A O   1 
ATOM   13  C  CB  . ASN A 1 2  ? -13.047 5.633   2.760   1.00 31.93 ? 2   ASN A CB  1 
ATOM   14  C  CG  . ASN A 1 2  ? -13.958 6.519   1.934   1.00 37.82 ? 2   ASN A CG  1 
ATOM   15  O  OD1 . ASN A 1 2  ? -14.546 7.465   2.454   1.00 49.41 ? 2   ASN A OD1 1 
ATOM   16  N  ND2 . ASN A 1 2  ? -14.079 6.220   0.646   1.00 32.45 ? 2   ASN A ND2 1 
ATOM   17  N  N   . LEU A 1 3  ? -9.911  4.864   2.203   1.00 16.69 ? 3   LEU A N   1 
ATOM   18  C  CA  . LEU A 1 3  ? -8.639  4.623   2.867   1.00 23.38 ? 3   LEU A CA  1 
ATOM   19  C  C   . LEU A 1 3  ? -7.790  5.866   2.743   1.00 19.96 ? 3   LEU A C   1 
ATOM   20  O  O   . LEU A 1 3  ? -8.123  6.791   2.004   1.00 24.61 ? 3   LEU A O   1 
ATOM   21  C  CB  . LEU A 1 3  ? -7.903  3.426   2.255   1.00 26.44 ? 3   LEU A CB  1 
ATOM   22  C  CG  . LEU A 1 3  ? -7.416  3.511   0.811   1.00 30.54 ? 3   LEU A CG  1 
ATOM   23  C  CD1 . LEU A 1 3  ? -6.410  2.395   0.545   1.00 28.29 ? 3   LEU A CD1 1 
ATOM   24  C  CD2 . LEU A 1 3  ? -8.595  3.411   -0.136  1.00 28.91 ? 3   LEU A CD2 1 
ATOM   25  N  N   . THR A 1 4  ? -6.706  5.895   3.500   1.00 17.55 ? 4   THR A N   1 
ATOM   26  C  CA  . THR A 1 4  ? -5.795  7.022   3.471   1.00 17.35 ? 4   THR A CA  1 
ATOM   27  C  C   . THR A 1 4  ? -4.543  6.531   2.750   1.00 21.36 ? 4   THR A C   1 
ATOM   28  O  O   . THR A 1 4  ? -4.020  5.465   3.070   1.00 19.16 ? 4   THR A O   1 
ATOM   29  C  CB  . THR A 1 4  ? -5.435  7.464   4.902   1.00 19.66 ? 4   THR A CB  1 
ATOM   30  O  OG1 . THR A 1 4  ? -6.642  7.729   5.635   1.00 22.76 ? 4   THR A OG1 1 
ATOM   31  C  CG2 . THR A 1 4  ? -4.588  8.718   4.873   1.00 18.54 ? 4   THR A CG2 1 
ATOM   32  N  N   . VAL A 1 5  ? -4.088  7.289   1.758   1.00 12.69 ? 5   VAL A N   1 
ATOM   33  C  CA  . VAL A 1 5  ? -2.895  6.921   1.007   1.00 18.11 ? 5   VAL A CA  1 
ATOM   34  C  C   . VAL A 1 5  ? -1.922  8.089   1.088   1.00 20.32 ? 5   VAL A C   1 
ATOM   35  O  O   . VAL A 1 5  ? -2.227  9.192   0.631   1.00 17.58 ? 5   VAL A O   1 
ATOM   36  C  CB  . VAL A 1 5  ? -3.231  6.617   -0.481  1.00 24.50 ? 5   VAL A CB  1 
ATOM   37  C  CG1 . VAL A 1 5  ? -1.956  6.317   -1.256  1.00 24.64 ? 5   VAL A CG1 1 
ATOM   38  C  CG2 . VAL A 1 5  ? -4.183  5.421   -0.562  1.00 18.51 ? 5   VAL A CG2 1 
ATOM   39  N  N   . ASN A 1 6  ? -0.760  7.840   1.681   1.00 22.04 ? 6   ASN A N   1 
ATOM   40  C  CA  . ASN A 1 6  ? 0.263   8.871   1.868   1.00 27.14 ? 6   ASN A CA  1 
ATOM   41  C  C   . ASN A 1 6  ? -0.338  10.079  2.579   1.00 29.17 ? 6   ASN A C   1 
ATOM   42  O  O   . ASN A 1 6  ? -0.085  11.234  2.211   1.00 23.37 ? 6   ASN A O   1 
ATOM   43  C  CB  . ASN A 1 6  ? 0.865   9.301   0.533   1.00 31.71 ? 6   ASN A CB  1 
ATOM   44  C  CG  . ASN A 1 6  ? 1.618   8.177   -0.144  1.00 34.01 ? 6   ASN A CG  1 
ATOM   45  O  OD1 . ASN A 1 6  ? 2.291   7.385   0.519   1.00 26.26 ? 6   ASN A OD1 1 
ATOM   46  N  ND2 . ASN A 1 6  ? 1.528   8.113   -1.468  1.00 40.99 ? 6   ASN A ND2 1 
ATOM   47  N  N   . GLY A 1 7  ? -1.153  9.789   3.589   1.00 22.86 ? 7   GLY A N   1 
ATOM   48  C  CA  . GLY A 1 7  ? -1.780  10.830  4.388   1.00 19.51 ? 7   GLY A CA  1 
ATOM   49  C  C   . GLY A 1 7  ? -3.006  11.502  3.809   1.00 19.75 ? 7   GLY A C   1 
ATOM   50  O  O   . GLY A 1 7  ? -3.650  12.297  4.491   1.00 21.20 ? 7   GLY A O   1 
ATOM   51  N  N   . LYS A 1 8  ? -3.352  11.188  2.567   1.00 17.70 ? 8   LYS A N   1 
ATOM   52  C  CA  . LYS A 1 8  ? -4.504  11.829  1.948   1.00 23.22 ? 8   LYS A CA  1 
ATOM   53  C  C   . LYS A 1 8  ? -5.663  10.895  1.635   1.00 21.33 ? 8   LYS A C   1 
ATOM   54  O  O   . LYS A 1 8  ? -5.468  9.703   1.379   1.00 18.85 ? 8   LYS A O   1 
ATOM   55  C  CB  . LYS A 1 8  ? -4.054  12.555  0.685   1.00 23.33 ? 8   LYS A CB  1 
ATOM   56  C  CG  . LYS A 1 8  ? -3.036  13.660  0.967   1.00 24.26 ? 8   LYS A CG  1 
ATOM   57  C  CD  . LYS A 1 8  ? -3.656  14.790  1.790   1.00 24.14 ? 8   LYS A CD  1 
ATOM   58  C  CE  . LYS A 1 8  ? -2.715  15.984  1.909   1.00 20.73 ? 8   LYS A CE  1 
ATOM   59  N  NZ  . LYS A 1 8  ? -1.491  15.691  2.704   1.00 25.42 ? 8   LYS A NZ  1 
ATOM   60  N  N   . PRO A 1 9  ? -6.895  11.432  1.658   1.00 22.06 ? 9   PRO A N   1 
ATOM   61  C  CA  . PRO A 1 9  ? -8.101  10.654  1.382   1.00 20.63 ? 9   PRO A CA  1 
ATOM   62  C  C   . PRO A 1 9  ? -8.054  9.978   0.026   1.00 21.68 ? 9   PRO A C   1 
ATOM   63  O  O   . PRO A 1 9  ? -7.588  10.548  -0.964  1.00 18.74 ? 9   PRO A O   1 
ATOM   64  C  CB  . PRO A 1 9  ? -9.213  11.694  1.463   1.00 30.38 ? 9   PRO A CB  1 
ATOM   65  C  CG  . PRO A 1 9  ? -8.673  12.671  2.464   1.00 32.78 ? 9   PRO A CG  1 
ATOM   66  C  CD  . PRO A 1 9  ? -7.246  12.817  2.014   1.00 24.61 ? 9   PRO A CD  1 
ATOM   67  N  N   . SER A 1 10 ? -8.545  8.749   -0.012  1.00 19.11 ? 10  SER A N   1 
ATOM   68  C  CA  . SER A 1 10 ? -8.560  7.983   -1.247  1.00 23.06 ? 10  SER A CA  1 
ATOM   69  C  C   . SER A 1 10 ? -9.803  7.105   -1.233  1.00 23.41 ? 10  SER A C   1 
ATOM   70  O  O   . SER A 1 10 ? -10.355 6.807   -0.174  1.00 19.37 ? 10  SER A O   1 
ATOM   71  C  CB  . SER A 1 10 ? -7.281  7.142   -1.338  1.00 26.52 ? 10  SER A CB  1 
ATOM   72  O  OG  . SER A 1 10 ? -7.355  6.174   -2.372  1.00 33.36 ? 10  SER A OG  1 
ATOM   73  N  N   . THR A 1 11 ? -10.257 6.711   -2.414  1.00 20.37 ? 11  THR A N   1 
ATOM   74  C  CA  . THR A 1 11 ? -11.440 5.879   -2.521  1.00 19.10 ? 11  THR A CA  1 
ATOM   75  C  C   . THR A 1 11 ? -11.226 4.788   -3.558  1.00 24.17 ? 11  THR A C   1 
ATOM   76  O  O   . THR A 1 11 ? -10.509 4.972   -4.550  1.00 21.75 ? 11  THR A O   1 
ATOM   77  C  CB  . THR A 1 11 ? -12.669 6.724   -2.930  1.00 25.15 ? 11  THR A CB  1 
ATOM   78  O  OG1 . THR A 1 11 ? -12.903 7.734   -1.940  1.00 28.55 ? 11  THR A OG1 1 
ATOM   79  C  CG2 . THR A 1 11 ? -13.905 5.858   -3.057  1.00 35.08 ? 11  THR A CG2 1 
ATOM   80  N  N   . VAL A 1 12 ? -11.839 3.642   -3.308  1.00 25.62 ? 12  VAL A N   1 
ATOM   81  C  CA  . VAL A 1 12 ? -11.759 2.518   -4.222  1.00 21.54 ? 12  VAL A CA  1 
ATOM   82  C  C   . VAL A 1 12 ? -13.181 2.015   -4.372  1.00 23.45 ? 12  VAL A C   1 
ATOM   83  O  O   . VAL A 1 12 ? -13.736 1.411   -3.451  1.00 29.97 ? 12  VAL A O   1 
ATOM   84  C  CB  . VAL A 1 12 ? -10.876 1.380   -3.663  1.00 28.23 ? 12  VAL A CB  1 
ATOM   85  C  CG1 . VAL A 1 12 ? -10.795 0.247   -4.676  1.00 23.35 ? 12  VAL A CG1 1 
ATOM   86  C  CG2 . VAL A 1 12 ? -9.482  1.902   -3.350  1.00 24.52 ? 12  VAL A CG2 1 
ATOM   87  N  N   . ASP A 1 13 ? -13.790 2.298   -5.517  1.00 22.40 ? 13  ASP A N   1 
ATOM   88  C  CA  . ASP A 1 13 ? -15.150 1.839   -5.755  1.00 24.55 ? 13  ASP A CA  1 
ATOM   89  C  C   . ASP A 1 13 ? -15.072 0.477   -6.425  1.00 27.18 ? 13  ASP A C   1 
ATOM   90  O  O   . ASP A 1 13 ? -14.277 0.277   -7.342  1.00 26.85 ? 13  ASP A O   1 
ATOM   91  C  CB  . ASP A 1 13 ? -15.915 2.805   -6.665  1.00 28.83 ? 13  ASP A CB  1 
ATOM   92  C  CG  . ASP A 1 13 ? -16.039 4.196   -6.075  1.00 40.82 ? 13  ASP A CG  1 
ATOM   93  O  OD1 . ASP A 1 13 ? -16.346 4.319   -4.863  1.00 41.10 ? 13  ASP A OD1 1 
ATOM   94  O  OD2 . ASP A 1 13 ? -15.853 5.175   -6.832  1.00 43.57 ? 13  ASP A OD2 1 
ATOM   95  N  N   . GLY A 1 14 ? -15.894 -0.456  -5.959  1.00 24.02 ? 14  GLY A N   1 
ATOM   96  C  CA  . GLY A 1 14 ? -15.901 -1.781  -6.549  1.00 25.62 ? 14  GLY A CA  1 
ATOM   97  C  C   . GLY A 1 14 ? -15.223 -2.849  -5.715  1.00 25.53 ? 14  GLY A C   1 
ATOM   98  O  O   . GLY A 1 14 ? -15.259 -4.024  -6.079  1.00 32.14 ? 14  GLY A O   1 
ATOM   99  N  N   . ALA A 1 15 ? -14.604 -2.458  -4.603  1.00 23.62 ? 15  ALA A N   1 
ATOM   100 C  CA  . ALA A 1 15 ? -13.923 -3.422  -3.738  1.00 26.27 ? 15  ALA A CA  1 
ATOM   101 C  C   . ALA A 1 15 ? -14.150 -3.133  -2.260  1.00 25.93 ? 15  ALA A C   1 
ATOM   102 O  O   . ALA A 1 15 ? -14.160 -1.976  -1.836  1.00 28.60 ? 15  ALA A O   1 
ATOM   103 C  CB  . ALA A 1 15 ? -12.429 -3.429  -4.042  1.00 27.32 ? 15  ALA A CB  1 
ATOM   104 N  N   . GLU A 1 16 ? -14.333 -4.192  -1.477  1.00 22.54 ? 16  GLU A N   1 
ATOM   105 C  CA  . GLU A 1 16 ? -14.550 -4.058  -0.040  1.00 30.73 ? 16  GLU A CA  1 
ATOM   106 C  C   . GLU A 1 16 ? -13.215 -4.214  0.683   1.00 24.22 ? 16  GLU A C   1 
ATOM   107 O  O   . GLU A 1 16 ? -13.089 -3.884  1.864   1.00 36.97 ? 16  GLU A O   1 
ATOM   108 C  CB  . GLU A 1 16 ? -15.538 -5.123  0.442   1.00 30.48 ? 16  GLU A CB  1 
ATOM   109 C  CG  . GLU A 1 16 ? -16.862 -5.114  -0.316  1.00 45.11 ? 16  GLU A CG  1 
ATOM   110 C  CD  . GLU A 1 16 ? -17.464 -3.725  -0.391  1.00 52.58 ? 16  GLU A CD  1 
ATOM   111 O  OE1 . GLU A 1 16 ? -17.558 -3.061  0.664   1.00 60.27 ? 16  GLU A OE1 1 
ATOM   112 O  OE2 . GLU A 1 16 ? -17.854 -3.300  -1.502  1.00 53.33 ? 16  GLU A OE2 1 
ATOM   113 N  N   . SER A 1 17 ? -12.225 -4.720  -0.045  1.00 23.45 ? 17  SER A N   1 
ATOM   114 C  CA  . SER A 1 17 ? -10.879 -4.921  0.467   1.00 24.25 ? 17  SER A CA  1 
ATOM   115 C  C   . SER A 1 17 ? -9.976  -5.299  -0.702  1.00 20.41 ? 17  SER A C   1 
ATOM   116 O  O   . SER A 1 17 ? -10.452 -5.650  -1.783  1.00 22.32 ? 17  SER A O   1 
ATOM   117 C  CB  . SER A 1 17 ? -10.846 -6.045  1.509   1.00 26.08 ? 17  SER A CB  1 
ATOM   118 O  OG  . SER A 1 17 ? -10.959 -7.314  0.890   1.00 34.47 ? 17  SER A OG  1 
ATOM   119 N  N   . LEU A 1 18 ? -8.671  -5.222  -0.475  1.00 21.34 ? 18  LEU A N   1 
ATOM   120 C  CA  . LEU A 1 18 ? -7.678  -5.555  -1.485  1.00 18.46 ? 18  LEU A CA  1 
ATOM   121 C  C   . LEU A 1 18 ? -6.393  -5.966  -0.807  1.00 21.29 ? 18  LEU A C   1 
ATOM   122 O  O   . LEU A 1 18 ? -6.086  -5.485  0.285   1.00 23.31 ? 18  LEU A O   1 
ATOM   123 C  CB  . LEU A 1 18 ? -7.383  -4.346  -2.374  1.00 21.39 ? 18  LEU A CB  1 
ATOM   124 C  CG  . LEU A 1 18 ? -8.377  -4.041  -3.491  1.00 22.35 ? 18  LEU A CG  1 
ATOM   125 C  CD1 . LEU A 1 18 ? -8.061  -2.685  -4.092  1.00 34.43 ? 18  LEU A CD1 1 
ATOM   126 C  CD2 . LEU A 1 18 ? -8.310  -5.135  -4.548  1.00 37.15 ? 18  LEU A CD2 1 
ATOM   127 N  N   . ASN A 1 19 ? -5.639  -6.862  -1.436  1.00 17.62 ? 19  ASN A N   1 
ATOM   128 C  CA  . ASN A 1 19 ? -4.370  -7.261  -0.850  1.00 19.00 ? 19  ASN A CA  1 
ATOM   129 C  C   . ASN A 1 19 ? -3.369  -6.236  -1.371  1.00 16.18 ? 19  ASN A C   1 
ATOM   130 O  O   . ASN A 1 19 ? -3.657  -5.498  -2.319  1.00 17.40 ? 19  ASN A O   1 
ATOM   131 C  CB  . ASN A 1 19 ? -3.974  -8.690  -1.255  1.00 20.94 ? 19  ASN A CB  1 
ATOM   132 C  CG  . ASN A 1 19 ? -3.892  -8.881  -2.755  1.00 27.45 ? 19  ASN A CG  1 
ATOM   133 O  OD1 . ASN A 1 19 ? -3.083  -8.254  -3.435  1.00 16.21 ? 19  ASN A OD1 1 
ATOM   134 N  ND2 . ASN A 1 19 ? -4.731  -9.771  -3.278  1.00 33.63 ? 19  ASN A ND2 1 
ATOM   135 N  N   . VAL A 1 20 ? -2.206  -6.169  -0.744  1.00 17.18 ? 20  VAL A N   1 
ATOM   136 C  CA  . VAL A 1 20 ? -1.204  -5.194  -1.133  1.00 22.32 ? 20  VAL A CA  1 
ATOM   137 C  C   . VAL A 1 20 ? -0.762  -5.308  -2.580  1.00 19.58 ? 20  VAL A C   1 
ATOM   138 O  O   . VAL A 1 20 ? -0.570  -4.295  -3.253  1.00 16.67 ? 20  VAL A O   1 
ATOM   139 C  CB  . VAL A 1 20 ? 0.016   -5.282  -0.207  1.00 19.03 ? 20  VAL A CB  1 
ATOM   140 C  CG1 . VAL A 1 20 ? 1.103   -4.324  -0.672  1.00 17.68 ? 20  VAL A CG1 1 
ATOM   141 C  CG2 . VAL A 1 20 ? -0.406  -4.955  1.208   1.00 17.73 ? 20  VAL A CG2 1 
ATOM   142 N  N   . THR A 1 21 ? -0.598  -6.538  -3.053  1.00 17.05 ? 21  THR A N   1 
ATOM   143 C  CA  . THR A 1 21 ? -0.192  -6.760  -4.432  1.00 22.85 ? 21  THR A CA  1 
ATOM   144 C  C   . THR A 1 21 ? -1.168  -6.105  -5.400  1.00 20.26 ? 21  THR A C   1 
ATOM   145 O  O   . THR A 1 21 ? -0.762  -5.419  -6.341  1.00 17.93 ? 21  THR A O   1 
ATOM   146 C  CB  . THR A 1 21 ? -0.106  -8.252  -4.740  1.00 21.96 ? 21  THR A CB  1 
ATOM   147 O  OG1 . THR A 1 21 ? 0.818   -8.861  -3.832  1.00 23.66 ? 21  THR A OG1 1 
ATOM   148 C  CG2 . THR A 1 21 ? 0.367   -8.467  -6.170  1.00 29.23 ? 21  THR A CG2 1 
ATOM   149 N  N   . GLU A 1 22 ? -2.459  -6.295  -5.163  1.00 20.23 ? 22  GLU A N   1 
ATOM   150 C  CA  . GLU A 1 22 ? -3.461  -5.707  -6.041  1.00 16.48 ? 22  GLU A CA  1 
ATOM   151 C  C   . GLU A 1 22 ? -3.438  -4.182  -5.937  1.00 19.72 ? 22  GLU A C   1 
ATOM   152 O  O   . GLU A 1 22 ? -3.617  -3.484  -6.936  1.00 17.02 ? 22  GLU A O   1 
ATOM   153 C  CB  . GLU A 1 22 ? -4.857  -6.221  -5.686  1.00 20.61 ? 22  GLU A CB  1 
ATOM   154 C  CG  . GLU A 1 22 ? -5.023  -7.727  -5.842  1.00 27.72 ? 22  GLU A CG  1 
ATOM   155 C  CD  . GLU A 1 22 ? -6.347  -8.205  -5.283  1.00 38.77 ? 22  GLU A CD  1 
ATOM   156 O  OE1 . GLU A 1 22 ? -6.656  -7.856  -4.120  1.00 31.90 ? 22  GLU A OE1 1 
ATOM   157 O  OE2 . GLU A 1 22 ? -7.072  -8.939  -5.989  1.00 42.00 ? 22  GLU A OE2 1 
ATOM   158 N  N   . LEU A 1 23 ? -3.202  -3.673  -4.728  1.00 15.24 ? 23  LEU A N   1 
ATOM   159 C  CA  . LEU A 1 23 ? -3.162  -2.229  -4.485  1.00 14.64 ? 23  LEU A CA  1 
ATOM   160 C  C   . LEU A 1 23 ? -2.044  -1.548  -5.264  1.00 17.75 ? 23  LEU A C   1 
ATOM   161 O  O   . LEU A 1 23 ? -2.256  -0.520  -5.908  1.00 18.50 ? 23  LEU A O   1 
ATOM   162 C  CB  . LEU A 1 23 ? -2.962  -1.950  -2.988  1.00 20.39 ? 23  LEU A CB  1 
ATOM   163 C  CG  . LEU A 1 23 ? -3.647  -0.742  -2.357  1.00 23.49 ? 23  LEU A CG  1 
ATOM   164 C  CD1 . LEU A 1 23 ? -2.958  -0.429  -1.046  1.00 20.30 ? 23  LEU A CD1 1 
ATOM   165 C  CD2 . LEU A 1 23 ? -3.607  0.458   -3.274  1.00 36.09 ? 23  LEU A CD2 1 
ATOM   166 N  N   . LEU A 1 24 ? -0.846  -2.116  -5.173  1.00 19.75 ? 24  LEU A N   1 
ATOM   167 C  CA  . LEU A 1 24 ? 0.319   -1.567  -5.858  1.00 26.34 ? 24  LEU A CA  1 
ATOM   168 C  C   . LEU A 1 24 ? 0.062   -1.472  -7.349  1.00 24.42 ? 24  LEU A C   1 
ATOM   169 O  O   . LEU A 1 24 ? 0.318   -0.440  -7.974  1.00 22.88 ? 24  LEU A O   1 
ATOM   170 C  CB  . LEU A 1 24 ? 1.540   -2.453  -5.616  1.00 32.90 ? 24  LEU A CB  1 
ATOM   171 C  CG  . LEU A 1 24 ? 2.395   -2.212  -4.370  1.00 34.13 ? 24  LEU A CG  1 
ATOM   172 C  CD1 . LEU A 1 24 ? 1.523   -1.929  -3.156  1.00 47.09 ? 24  LEU A CD1 1 
ATOM   173 C  CD2 . LEU A 1 24 ? 3.260   -3.443  -4.146  1.00 20.78 ? 24  LEU A CD2 1 
ATOM   174 N  N   . SER A 1 25 ? -0.448  -2.560  -7.913  1.00 24.77 ? 25  SER A N   1 
ATOM   175 C  CA  . SER A 1 25 ? -0.741  -2.606  -9.334  1.00 26.74 ? 25  SER A CA  1 
ATOM   176 C  C   . SER A 1 25 ? -1.845  -1.629  -9.718  1.00 23.57 ? 25  SER A C   1 
ATOM   177 O  O   . SER A 1 25 ? -1.683  -0.827  -10.641 1.00 36.16 ? 25  SER A O   1 
ATOM   178 C  CB  . SER A 1 25 ? -1.134  -4.025  -9.744  1.00 27.75 ? 25  SER A CB  1 
ATOM   179 O  OG  . SER A 1 25 ? -1.432  -4.070  -11.128 1.00 43.79 ? 25  SER A OG  1 
ATOM   180 N  N   . ALA A 1 26 ? -2.967  -1.682  -9.012  1.00 23.42 ? 26  ALA A N   1 
ATOM   181 C  CA  . ALA A 1 26 ? -4.075  -0.784  -9.326  1.00 26.78 ? 26  ALA A CA  1 
ATOM   182 C  C   . ALA A 1 26 ? -3.623  0.679   -9.309  1.00 31.02 ? 26  ALA A C   1 
ATOM   183 O  O   . ALA A 1 26 ? -3.875  1.417   -10.260 1.00 25.58 ? 26  ALA A O   1 
ATOM   184 C  CB  . ALA A 1 26 ? -5.213  -0.993  -8.340  1.00 21.28 ? 26  ALA A CB  1 
ATOM   185 N  N   . LEU A 1 27 ? -2.964  1.093   -8.228  1.00 28.09 ? 27  LEU A N   1 
ATOM   186 C  CA  . LEU A 1 27 ? -2.479  2.467   -8.114  1.00 32.60 ? 27  LEU A CA  1 
ATOM   187 C  C   . LEU A 1 27 ? -1.255  2.681   -8.993  1.00 34.06 ? 27  LEU A C   1 
ATOM   188 O  O   . LEU A 1 27 ? -0.706  3.786   -9.055  1.00 43.85 ? 27  LEU A O   1 
ATOM   189 C  CB  . LEU A 1 27 ? -2.111  2.796   -6.662  1.00 26.54 ? 27  LEU A CB  1 
ATOM   190 C  CG  . LEU A 1 27 ? -3.237  2.949   -5.647  1.00 24.35 ? 27  LEU A CG  1 
ATOM   191 C  CD1 . LEU A 1 27 ? -2.671  3.424   -4.314  1.00 31.18 ? 27  LEU A CD1 1 
ATOM   192 C  CD2 . LEU A 1 27 ? -4.249  3.951   -6.172  1.00 35.22 ? 27  LEU A CD2 1 
ATOM   193 N  N   . LYS A 1 28 ? -0.840  1.616   -9.673  1.00 36.28 ? 28  LYS A N   1 
ATOM   194 C  CA  . LYS A 1 28 ? 0.337   1.637   -10.540 1.00 42.75 ? 28  LYS A CA  1 
ATOM   195 C  C   . LYS A 1 28 ? 1.458   2.441   -9.904  1.00 37.98 ? 28  LYS A C   1 
ATOM   196 O  O   . LYS A 1 28 ? 1.951   3.417   -10.474 1.00 36.18 ? 28  LYS A O   1 
ATOM   197 C  CB  . LYS A 1 28 ? -0.010  2.200   -11.924 1.00 42.54 ? 28  LYS A CB  1 
ATOM   198 C  CG  . LYS A 1 28 ? -0.784  3.512   -11.921 1.00 46.84 ? 28  LYS A CG  1 
ATOM   199 C  CD  . LYS A 1 28 ? -1.145  3.971   -13.338 1.00 54.70 ? 28  LYS A CD  1 
ATOM   200 C  CE  . LYS A 1 28 ? -1.966  2.926   -14.097 1.00 56.61 ? 28  LYS A CE  1 
ATOM   201 N  NZ  . LYS A 1 28 ? -1.142  1.735   -14.485 1.00 65.61 ? 28  LYS A NZ  1 
ATOM   202 N  N   . VAL A 1 29 ? 1.852   2.018   -8.708  1.00 33.32 ? 29  VAL A N   1 
ATOM   203 C  CA  . VAL A 1 29 ? 2.916   2.679   -7.973  1.00 36.04 ? 29  VAL A CA  1 
ATOM   204 C  C   . VAL A 1 29 ? 4.239   2.555   -8.725  1.00 35.72 ? 29  VAL A C   1 
ATOM   205 O  O   . VAL A 1 29 ? 4.667   1.454   -9.063  1.00 29.43 ? 29  VAL A O   1 
ATOM   206 C  CB  . VAL A 1 29 ? 3.081   2.063   -6.570  1.00 26.40 ? 29  VAL A CB  1 
ATOM   207 C  CG1 . VAL A 1 29 ? 4.154   2.811   -5.805  1.00 29.13 ? 29  VAL A CG1 1 
ATOM   208 C  CG2 . VAL A 1 29 ? 1.757   2.114   -5.826  1.00 32.95 ? 29  VAL A CG2 1 
ATOM   209 N  N   . ALA A 1 30 ? 4.884   3.688   -8.976  1.00 41.56 ? 30  ALA A N   1 
ATOM   210 C  CA  . ALA A 1 30 ? 6.151   3.707   -9.698  1.00 41.60 ? 30  ALA A CA  1 
ATOM   211 C  C   . ALA A 1 30 ? 7.242   2.909   -8.997  1.00 46.63 ? 30  ALA A C   1 
ATOM   212 O  O   . ALA A 1 30 ? 7.354   2.933   -7.770  1.00 45.18 ? 30  ALA A O   1 
ATOM   213 C  CB  . ALA A 1 30 ? 6.610   5.141   -9.896  1.00 46.42 ? 30  ALA A CB  1 
ATOM   214 N  N   . GLN A 1 31 ? 8.049   2.206   -9.786  1.00 44.31 ? 31  GLN A N   1 
ATOM   215 C  CA  . GLN A 1 31 ? 9.142   1.416   -9.234  1.00 47.50 ? 31  GLN A CA  1 
ATOM   216 C  C   . GLN A 1 31 ? 8.658   0.579   -8.058  1.00 48.48 ? 31  GLN A C   1 
ATOM   217 O  O   . GLN A 1 31 ? 9.292   0.540   -7.004  1.00 45.32 ? 31  GLN A O   1 
ATOM   218 C  CB  . GLN A 1 31 ? 10.270  2.351   -8.793  1.00 52.05 ? 31  GLN A CB  1 
ATOM   219 C  CG  . GLN A 1 31 ? 10.885  3.115   -9.956  1.00 59.71 ? 31  GLN A CG  1 
ATOM   220 C  CD  . GLN A 1 31 ? 11.899  4.159   -9.524  1.00 65.44 ? 31  GLN A CD  1 
ATOM   221 O  OE1 . GLN A 1 31 ? 12.615  4.719   -10.358 1.00 65.92 ? 31  GLN A OE1 1 
ATOM   222 N  NE2 . GLN A 1 31 ? 11.960  4.435   -8.222  1.00 58.21 ? 31  GLN A NE2 1 
ATOM   223 N  N   . ALA A 1 32 ? 7.522   -0.082  -8.251  1.00 44.16 ? 32  ALA A N   1 
ATOM   224 C  CA  . ALA A 1 32 ? 6.934   -0.924  -7.219  1.00 41.81 ? 32  ALA A CA  1 
ATOM   225 C  C   . ALA A 1 32 ? 7.889   -2.030  -6.788  1.00 42.96 ? 32  ALA A C   1 
ATOM   226 O  O   . ALA A 1 32 ? 7.761   -2.570  -5.691  1.00 41.87 ? 32  ALA A O   1 
ATOM   227 C  CB  . ALA A 1 32 ? 5.633   -1.528  -7.724  1.00 34.52 ? 32  ALA A CB  1 
ATOM   228 N  N   . GLU A 1 33 ? 8.845   -2.360  -7.651  1.00 46.17 ? 33  GLU A N   1 
ATOM   229 C  CA  . GLU A 1 33 ? 9.812   -3.411  -7.346  1.00 49.04 ? 33  GLU A CA  1 
ATOM   230 C  C   . GLU A 1 33 ? 10.610  -3.044  -6.105  1.00 49.82 ? 33  GLU A C   1 
ATOM   231 O  O   . GLU A 1 33 ? 10.814  -3.872  -5.218  1.00 49.48 ? 33  GLU A O   1 
ATOM   232 C  CB  . GLU A 1 33 ? 10.772  -3.621  -8.521  1.00 53.98 ? 33  GLU A CB  1 
ATOM   233 C  CG  . GLU A 1 33 ? 10.091  -3.845  -9.860  1.00 58.25 ? 33  GLU A CG  1 
ATOM   234 C  CD  . GLU A 1 33 ? 10.090  -2.598  -10.729 1.00 65.46 ? 33  GLU A CD  1 
ATOM   235 O  OE1 . GLU A 1 33 ? 9.533   -1.566  -10.298 1.00 57.50 ? 33  GLU A OE1 1 
ATOM   236 O  OE2 . GLU A 1 33 ? 10.652  -2.654  -11.847 1.00 64.85 ? 33  GLU A OE2 1 
ATOM   237 N  N   . TYR A 1 34 ? 11.064  -1.797  -6.049  1.00 49.68 ? 34  TYR A N   1 
ATOM   238 C  CA  . TYR A 1 34 ? 11.833  -1.336  -4.910  1.00 51.13 ? 34  TYR A CA  1 
ATOM   239 C  C   . TYR A 1 34 ? 11.196  -0.135  -4.208  1.00 50.67 ? 34  TYR A C   1 
ATOM   240 O  O   . TYR A 1 34 ? 11.752  0.967   -4.172  1.00 57.49 ? 34  TYR A O   1 
ATOM   241 C  CB  . TYR A 1 34 ? 13.277  -1.042  -5.336  1.00 59.80 ? 34  TYR A CB  1 
ATOM   242 C  CG  . TYR A 1 34 ? 14.160  -2.283  -5.352  1.00 66.68 ? 34  TYR A CG  1 
ATOM   243 C  CD1 . TYR A 1 34 ? 13.815  -3.401  -6.118  1.00 66.32 ? 34  TYR A CD1 1 
ATOM   244 C  CD2 . TYR A 1 34 ? 15.314  -2.356  -4.565  1.00 70.34 ? 34  TYR A CD2 1 
ATOM   245 C  CE1 . TYR A 1 34 ? 14.593  -4.567  -6.096  1.00 70.10 ? 34  TYR A CE1 1 
ATOM   246 C  CE2 . TYR A 1 34 ? 16.105  -3.517  -4.537  1.00 72.07 ? 34  TYR A CE2 1 
ATOM   247 C  CZ  . TYR A 1 34 ? 15.738  -4.615  -5.300  1.00 72.37 ? 34  TYR A CZ  1 
ATOM   248 O  OH  . TYR A 1 34 ? 16.504  -5.763  -5.270  1.00 66.65 ? 34  TYR A OH  1 
ATOM   249 N  N   . VAL A 1 35 ? 10.003  -0.368  -3.669  1.00 37.50 ? 35  VAL A N   1 
ATOM   250 C  CA  . VAL A 1 35 ? 9.255   0.636   -2.918  1.00 31.05 ? 35  VAL A CA  1 
ATOM   251 C  C   . VAL A 1 35 ? 8.932   -0.035  -1.588  1.00 23.68 ? 35  VAL A C   1 
ATOM   252 O  O   . VAL A 1 35 ? 8.789   -1.255  -1.530  1.00 27.35 ? 35  VAL A O   1 
ATOM   253 C  CB  . VAL A 1 35 ? 7.929   1.030   -3.633  1.00 32.85 ? 35  VAL A CB  1 
ATOM   254 C  CG1 . VAL A 1 35 ? 7.030   -0.186  -3.801  1.00 30.87 ? 35  VAL A CG1 1 
ATOM   255 C  CG2 . VAL A 1 35 ? 7.208   2.112   -2.837  1.00 25.71 ? 35  VAL A CG2 1 
ATOM   256 N  N   . THR A 1 36 ? 8.845   0.745   -0.516  1.00 23.64 ? 36  THR A N   1 
ATOM   257 C  CA  . THR A 1 36 ? 8.527   0.189   0.794   1.00 26.20 ? 36  THR A CA  1 
ATOM   258 C  C   . THR A 1 36 ? 7.090   0.552   1.132   1.00 25.02 ? 36  THR A C   1 
ATOM   259 O  O   . THR A 1 36 ? 6.676   1.704   0.969   1.00 20.81 ? 36  THR A O   1 
ATOM   260 C  CB  . THR A 1 36 ? 9.439   0.762   1.904   1.00 27.72 ? 36  THR A CB  1 
ATOM   261 O  OG1 . THR A 1 36 ? 10.797  0.369   1.668   1.00 30.36 ? 36  THR A OG1 1 
ATOM   262 C  CG2 . THR A 1 36 ? 8.992   0.261   3.272   1.00 21.51 ? 36  THR A CG2 1 
ATOM   263 N  N   . VAL A 1 37 ? 6.328   -0.424  1.610   1.00 18.96 ? 37  VAL A N   1 
ATOM   264 C  CA  . VAL A 1 37 ? 4.935   -0.167  1.951   1.00 21.77 ? 37  VAL A CA  1 
ATOM   265 C  C   . VAL A 1 37 ? 4.662   -0.228  3.443   1.00 19.00 ? 37  VAL A C   1 
ATOM   266 O  O   . VAL A 1 37 ? 5.057   -1.175  4.114   1.00 17.31 ? 37  VAL A O   1 
ATOM   267 C  CB  . VAL A 1 37 ? 3.994   -1.170  1.250   1.00 21.57 ? 37  VAL A CB  1 
ATOM   268 C  CG1 . VAL A 1 37 ? 2.540   -0.850  1.602   1.00 21.36 ? 37  VAL A CG1 1 
ATOM   269 C  CG2 . VAL A 1 37 ? 4.198   -1.110  -0.261  1.00 20.30 ? 37  VAL A CG2 1 
ATOM   270 N  N   . GLU A 1 38 ? 3.987   0.797   3.956   1.00 19.48 ? 38  GLU A N   1 
ATOM   271 C  CA  . GLU A 1 38 ? 3.618   0.842   5.366   1.00 15.28 ? 38  GLU A CA  1 
ATOM   272 C  C   . GLU A 1 38 ? 2.103   0.777   5.461   1.00 20.16 ? 38  GLU A C   1 
ATOM   273 O  O   . GLU A 1 38 ? 1.397   1.459   4.720   1.00 17.35 ? 38  GLU A O   1 
ATOM   274 C  CB  . GLU A 1 38 ? 4.120   2.124   6.039   1.00 22.34 ? 38  GLU A CB  1 
ATOM   275 C  CG  . GLU A 1 38 ? 5.536   2.025   6.590   1.00 48.05 ? 38  GLU A CG  1 
ATOM   276 C  CD  . GLU A 1 38 ? 5.920   3.217   7.453   1.00 53.76 ? 38  GLU A CD  1 
ATOM   277 O  OE1 . GLU A 1 38 ? 5.195   3.505   8.434   1.00 50.93 ? 38  GLU A OE1 1 
ATOM   278 O  OE2 . GLU A 1 38 ? 6.949   3.861   7.153   1.00 59.07 ? 38  GLU A OE2 1 
ATOM   279 N  N   . LEU A 1 39 ? 1.614   -0.072  6.361   1.00 18.07 ? 39  LEU A N   1 
ATOM   280 C  CA  . LEU A 1 39 ? 0.181   -0.235  6.572   1.00 23.40 ? 39  LEU A CA  1 
ATOM   281 C  C   . LEU A 1 39 ? -0.086  0.016   8.048   1.00 23.41 ? 39  LEU A C   1 
ATOM   282 O  O   . LEU A 1 39 ? 0.431   -0.692  8.914   1.00 20.08 ? 39  LEU A O   1 
ATOM   283 C  CB  . LEU A 1 39 ? -0.260  -1.652  6.186   1.00 20.23 ? 39  LEU A CB  1 
ATOM   284 C  CG  . LEU A 1 39 ? -1.719  -2.006  6.478   1.00 22.51 ? 39  LEU A CG  1 
ATOM   285 C  CD1 . LEU A 1 39 ? -2.652  -0.989  5.802   1.00 20.57 ? 39  LEU A CD1 1 
ATOM   286 C  CD2 . LEU A 1 39 ? -2.007  -3.408  5.971   1.00 20.87 ? 39  LEU A CD2 1 
ATOM   287 N  N   . ASN A 1 40 ? -0.887  1.040   8.322   1.00 20.41 ? 40  ASN A N   1 
ATOM   288 C  CA  . ASN A 1 40 ? -1.229  1.430   9.685   1.00 22.58 ? 40  ASN A CA  1 
ATOM   289 C  C   . ASN A 1 40 ? 0.011   1.619   10.568  1.00 24.27 ? 40  ASN A C   1 
ATOM   290 O  O   . ASN A 1 40 ? 0.047   1.188   11.724  1.00 27.16 ? 40  ASN A O   1 
ATOM   291 C  CB  . ASN A 1 40 ? -2.201  0.413   10.306  1.00 23.11 ? 40  ASN A CB  1 
ATOM   292 C  CG  . ASN A 1 40 ? -3.542  0.375   9.575   1.00 25.27 ? 40  ASN A CG  1 
ATOM   293 O  OD1 . ASN A 1 40 ? -3.958  1.372   8.980   1.00 15.56 ? 40  ASN A OD1 1 
ATOM   294 N  ND2 . ASN A 1 40 ? -4.230  -0.763  9.638   1.00 21.93 ? 40  ASN A ND2 1 
ATOM   295 N  N   . GLY A 1 41 ? 1.025   2.265   9.996   1.00 26.12 ? 41  GLY A N   1 
ATOM   296 C  CA  . GLY A 1 41 ? 2.250   2.565   10.719  1.00 30.94 ? 41  GLY A CA  1 
ATOM   297 C  C   . GLY A 1 41 ? 3.265   1.457   10.872  1.00 34.00 ? 41  GLY A C   1 
ATOM   298 O  O   . GLY A 1 41 ? 4.217   1.579   11.649  1.00 33.27 ? 41  GLY A O   1 
ATOM   299 N  N   . GLU A 1 42 ? 3.078   0.373   10.135  1.00 25.86 ? 42  GLU A N   1 
ATOM   300 C  CA  . GLU A 1 42 ? 4.004   -0.741  10.218  1.00 28.11 ? 42  GLU A CA  1 
ATOM   301 C  C   . GLU A 1 42 ? 4.549   -1.080  8.843   1.00 24.74 ? 42  GLU A C   1 
ATOM   302 O  O   . GLU A 1 42 ? 3.791   -1.204  7.879   1.00 22.31 ? 42  GLU A O   1 
ATOM   303 C  CB  . GLU A 1 42 ? 3.291   -1.943  10.815  1.00 27.98 ? 42  GLU A CB  1 
ATOM   304 C  CG  . GLU A 1 42 ? 4.072   -3.220  10.748  1.00 41.76 ? 42  GLU A CG  1 
ATOM   305 C  CD  . GLU A 1 42 ? 3.347   -4.343  11.447  1.00 53.11 ? 42  GLU A CD  1 
ATOM   306 O  OE1 . GLU A 1 42 ? 2.111   -4.438  11.276  1.00 54.15 ? 42  GLU A OE1 1 
ATOM   307 O  OE2 . GLU A 1 42 ? 4.010   -5.130  12.155  1.00 55.11 ? 42  GLU A OE2 1 
ATOM   308 N  N   . VAL A 1 43 ? 5.867   -1.205  8.751   1.00 22.57 ? 43  VAL A N   1 
ATOM   309 C  CA  . VAL A 1 43 ? 6.503   -1.543  7.495   1.00 22.40 ? 43  VAL A CA  1 
ATOM   310 C  C   . VAL A 1 43 ? 6.195   -3.004  7.191   1.00 26.08 ? 43  VAL A C   1 
ATOM   311 O  O   . VAL A 1 43 ? 6.355   -3.881  8.046   1.00 26.75 ? 43  VAL A O   1 
ATOM   312 C  CB  . VAL A 1 43 ? 8.035   -1.340  7.561   1.00 18.84 ? 43  VAL A CB  1 
ATOM   313 C  CG1 . VAL A 1 43 ? 8.690   -1.917  6.320   1.00 25.92 ? 43  VAL A CG1 1 
ATOM   314 C  CG2 . VAL A 1 43 ? 8.361   0.145   7.684   1.00 20.32 ? 43  VAL A CG2 1 
ATOM   315 N  N   . LEU A 1 44 ? 5.740   -3.255  5.970   1.00 18.56 ? 44  LEU A N   1 
ATOM   316 C  CA  . LEU A 1 44 ? 5.381   -4.603  5.535   1.00 26.02 ? 44  LEU A CA  1 
ATOM   317 C  C   . LEU A 1 44 ? 6.503   -5.328  4.809   1.00 24.90 ? 44  LEU A C   1 
ATOM   318 O  O   . LEU A 1 44 ? 7.392   -4.703  4.238   1.00 20.24 ? 44  LEU A O   1 
ATOM   319 C  CB  . LEU A 1 44 ? 4.174   -4.531  4.596   1.00 24.96 ? 44  LEU A CB  1 
ATOM   320 C  CG  . LEU A 1 44 ? 2.753   -4.402  5.145   1.00 25.72 ? 44  LEU A CG  1 
ATOM   321 C  CD1 . LEU A 1 44 ? 2.694   -3.471  6.333   1.00 41.80 ? 44  LEU A CD1 1 
ATOM   322 C  CD2 . LEU A 1 44 ? 1.852   -3.912  4.020   1.00 27.07 ? 44  LEU A CD2 1 
ATOM   323 N  N   . GLU A 1 45 ? 6.450   -6.656  4.830   1.00 27.23 ? 45  GLU A N   1 
ATOM   324 C  CA  . GLU A 1 45 ? 7.439   -7.462  4.123   1.00 25.95 ? 45  GLU A CA  1 
ATOM   325 C  C   . GLU A 1 45 ? 6.838   -7.835  2.775   1.00 28.74 ? 45  GLU A C   1 
ATOM   326 O  O   . GLU A 1 45 ? 5.718   -8.345  2.702   1.00 23.83 ? 45  GLU A O   1 
ATOM   327 C  CB  . GLU A 1 45 ? 7.774   -8.723  4.915   1.00 30.08 ? 45  GLU A CB  1 
ATOM   328 C  CG  . GLU A 1 45 ? 8.609   -8.434  6.142   1.00 48.45 ? 45  GLU A CG  1 
ATOM   329 C  CD  . GLU A 1 45 ? 8.997   -9.685  6.901   1.00 64.16 ? 45  GLU A CD  1 
ATOM   330 O  OE1 . GLU A 1 45 ? 9.883   -9.582  7.780   1.00 68.70 ? 45  GLU A OE1 1 
ATOM   331 O  OE2 . GLU A 1 45 ? 8.418   -10.763 6.630   1.00 63.62 ? 45  GLU A OE2 1 
ATOM   332 N  N   . ARG A 1 46 ? 7.589   -7.568  1.714   1.00 26.28 ? 46  ARG A N   1 
ATOM   333 C  CA  . ARG A 1 46 ? 7.144   -7.850  0.357   1.00 32.74 ? 46  ARG A CA  1 
ATOM   334 C  C   . ARG A 1 46 ? 6.644   -9.284  0.178   1.00 30.93 ? 46  ARG A C   1 
ATOM   335 O  O   . ARG A 1 46 ? 5.785   -9.546  -0.661  1.00 27.39 ? 46  ARG A O   1 
ATOM   336 C  CB  . ARG A 1 46 ? 8.289   -7.556  -0.619  1.00 33.75 ? 46  ARG A CB  1 
ATOM   337 C  CG  . ARG A 1 46 ? 7.995   -7.851  -2.085  1.00 40.43 ? 46  ARG A CG  1 
ATOM   338 C  CD  . ARG A 1 46 ? 9.072   -7.246  -2.979  1.00 41.90 ? 46  ARG A CD  1 
ATOM   339 N  NE  . ARG A 1 46 ? 9.030   -5.788  -2.931  1.00 49.27 ? 46  ARG A NE  1 
ATOM   340 C  CZ  . ARG A 1 46 ? 8.067   -5.054  -3.479  1.00 49.92 ? 46  ARG A CZ  1 
ATOM   341 N  NH1 . ARG A 1 46 ? 8.101   -3.731  -3.382  1.00 44.82 ? 46  ARG A NH1 1 
ATOM   342 N  NH2 . ARG A 1 46 ? 7.078   -5.643  -4.142  1.00 45.70 ? 46  ARG A NH2 1 
ATOM   343 N  N   . GLU A 1 47 ? 7.175   -10.201 0.979   1.00 29.74 ? 47  GLU A N   1 
ATOM   344 C  CA  . GLU A 1 47 ? 6.807   -11.615 0.905   1.00 33.90 ? 47  GLU A CA  1 
ATOM   345 C  C   . GLU A 1 47 ? 5.342   -11.859 1.279   1.00 33.96 ? 47  GLU A C   1 
ATOM   346 O  O   . GLU A 1 47 ? 4.732   -12.839 0.841   1.00 32.17 ? 47  GLU A O   1 
ATOM   347 C  CB  . GLU A 1 47 ? 7.704   -12.427 1.842   1.00 42.61 ? 47  GLU A CB  1 
ATOM   348 C  CG  . GLU A 1 47 ? 7.809   -13.903 1.504   1.00 53.96 ? 47  GLU A CG  1 
ATOM   349 C  CD  . GLU A 1 47 ? 8.654   -14.154 0.267   1.00 67.88 ? 47  GLU A CD  1 
ATOM   350 O  OE1 . GLU A 1 47 ? 8.781   -15.328 -0.141  1.00 70.79 ? 47  GLU A OE1 1 
ATOM   351 O  OE2 . GLU A 1 47 ? 9.193   -13.175 -0.294  1.00 72.06 ? 47  GLU A OE2 1 
ATOM   352 N  N   . ALA A 1 48 ? 4.782   -10.966 2.085   1.00 26.39 ? 48  ALA A N   1 
ATOM   353 C  CA  . ALA A 1 48 ? 3.404   -11.106 2.536   1.00 31.67 ? 48  ALA A CA  1 
ATOM   354 C  C   . ALA A 1 48 ? 2.413   -10.175 1.831   1.00 25.41 ? 48  ALA A C   1 
ATOM   355 O  O   . ALA A 1 48 ? 1.278   -10.012 2.285   1.00 25.16 ? 48  ALA A O   1 
ATOM   356 C  CB  . ALA A 1 48 ? 3.336   -10.877 4.042   1.00 24.01 ? 48  ALA A CB  1 
ATOM   357 N  N   . PHE A 1 49 ? 2.836   -9.569  0.730   1.00 23.73 ? 49  PHE A N   1 
ATOM   358 C  CA  . PHE A 1 49 ? 1.969   -8.661  -0.010  1.00 25.13 ? 49  PHE A CA  1 
ATOM   359 C  C   . PHE A 1 49 ? 0.681   -9.328  -0.495  1.00 24.45 ? 49  PHE A C   1 
ATOM   360 O  O   . PHE A 1 49 ? -0.376  -8.698  -0.500  1.00 20.50 ? 49  PHE A O   1 
ATOM   361 C  CB  . PHE A 1 49 ? 2.724   -8.057  -1.199  1.00 26.20 ? 49  PHE A CB  1 
ATOM   362 C  CG  . PHE A 1 49 ? 3.617   -6.898  -0.838  1.00 25.49 ? 49  PHE A CG  1 
ATOM   363 C  CD1 . PHE A 1 49 ? 3.874   -6.578  0.491   1.00 23.95 ? 49  PHE A CD1 1 
ATOM   364 C  CD2 . PHE A 1 49 ? 4.208   -6.127  -1.835  1.00 23.19 ? 49  PHE A CD2 1 
ATOM   365 C  CE1 . PHE A 1 49 ? 4.713   -5.512  0.824   1.00 20.80 ? 49  PHE A CE1 1 
ATOM   366 C  CE2 . PHE A 1 49 ? 5.049   -5.057  -1.514  1.00 25.15 ? 49  PHE A CE2 1 
ATOM   367 C  CZ  . PHE A 1 49 ? 5.297   -4.753  -0.180  1.00 19.78 ? 49  PHE A CZ  1 
ATOM   368 N  N   . ASP A 1 50 ? 0.750   -10.597 -0.893  1.00 22.77 ? 50  ASP A N   1 
ATOM   369 C  CA  . ASP A 1 50 ? -0.455  -11.273 -1.366  1.00 28.80 ? 50  ASP A CA  1 
ATOM   370 C  C   . ASP A 1 50 ? -1.451  -11.578 -0.252  1.00 24.30 ? 50  ASP A C   1 
ATOM   371 O  O   . ASP A 1 50 ? -2.659  -11.644 -0.497  1.00 28.82 ? 50  ASP A O   1 
ATOM   372 C  CB  . ASP A 1 50 ? -0.120  -12.586 -2.084  1.00 31.15 ? 50  ASP A CB  1 
ATOM   373 C  CG  . ASP A 1 50 ? 0.641   -12.376 -3.375  1.00 39.15 ? 50  ASP A CG  1 
ATOM   374 O  OD1 . ASP A 1 50 ? 0.315   -11.430 -4.128  1.00 36.95 ? 50  ASP A OD1 1 
ATOM   375 O  OD2 . ASP A 1 50 ? 1.566   -13.173 -3.647  1.00 38.24 ? 50  ASP A OD2 1 
ATOM   376 N  N   . ALA A 1 51 ? -0.949  -11.765 0.966   1.00 15.60 ? 51  ALA A N   1 
ATOM   377 C  CA  . ALA A 1 51 ? -1.807  -12.095 2.105   1.00 27.59 ? 51  ALA A CA  1 
ATOM   378 C  C   . ALA A 1 51 ? -2.290  -10.896 2.923   1.00 20.42 ? 51  ALA A C   1 
ATOM   379 O  O   . ALA A 1 51 ? -3.361  -10.940 3.530   1.00 23.02 ? 51  ALA A O   1 
ATOM   380 C  CB  . ALA A 1 51 ? -1.088  -13.081 3.019   1.00 27.36 ? 51  ALA A CB  1 
ATOM   381 N  N   . THR A 1 52 ? -1.497  -9.834  2.933   1.00 20.71 ? 52  THR A N   1 
ATOM   382 C  CA  . THR A 1 52 ? -1.837  -8.638  3.683   1.00 22.31 ? 52  THR A CA  1 
ATOM   383 C  C   . THR A 1 52 ? -2.988  -7.909  3.005   1.00 21.37 ? 52  THR A C   1 
ATOM   384 O  O   . THR A 1 52 ? -2.939  -7.611  1.808   1.00 19.23 ? 52  THR A O   1 
ATOM   385 C  CB  . THR A 1 52 ? -0.610  -7.718  3.800   1.00 21.31 ? 52  THR A CB  1 
ATOM   386 O  OG1 . THR A 1 52 ? 0.482   -8.464  4.350   1.00 22.10 ? 52  THR A OG1 1 
ATOM   387 C  CG2 . THR A 1 52 ? -0.908  -6.535  4.707   1.00 19.73 ? 52  THR A CG2 1 
ATOM   388 N  N   . THR A 1 53 ? -4.024  -7.607  3.775   1.00 16.25 ? 53  THR A N   1 
ATOM   389 C  CA  . THR A 1 53 ? -5.192  -6.948  3.217   1.00 23.06 ? 53  THR A CA  1 
ATOM   390 C  C   . THR A 1 53 ? -5.451  -5.547  3.758   1.00 21.25 ? 53  THR A C   1 
ATOM   391 O  O   . THR A 1 53 ? -5.280  -5.278  4.947   1.00 19.71 ? 53  THR A O   1 
ATOM   392 C  CB  . THR A 1 53 ? -6.444  -7.806  3.457   1.00 30.39 ? 53  THR A CB  1 
ATOM   393 O  OG1 . THR A 1 53 ? -6.134  -9.179  3.178   1.00 36.34 ? 53  THR A OG1 1 
ATOM   394 C  CG2 . THR A 1 53 ? -7.569  -7.360  2.543   1.00 34.63 ? 53  THR A CG2 1 
ATOM   395 N  N   . VAL A 1 54 ? -5.869  -4.665  2.860   1.00 19.99 ? 54  VAL A N   1 
ATOM   396 C  CA  . VAL A 1 54 ? -6.185  -3.288  3.201   1.00 19.11 ? 54  VAL A CA  1 
ATOM   397 C  C   . VAL A 1 54 ? -7.695  -3.156  3.175   1.00 19.68 ? 54  VAL A C   1 
ATOM   398 O  O   . VAL A 1 54 ? -8.334  -3.506  2.185   1.00 25.12 ? 54  VAL A O   1 
ATOM   399 C  CB  . VAL A 1 54 ? -5.567  -2.311  2.183   1.00 27.27 ? 54  VAL A CB  1 
ATOM   400 C  CG1 . VAL A 1 54 ? -5.840  -0.879  2.612   1.00 28.60 ? 54  VAL A CG1 1 
ATOM   401 C  CG2 . VAL A 1 54 ? -4.066  -2.564  2.067   1.00 23.74 ? 54  VAL A CG2 1 
ATOM   402 N  N   . LYS A 1 55 ? -8.272  -2.664  4.269   1.00 21.08 ? 55  LYS A N   1 
ATOM   403 C  CA  . LYS A 1 55 ? -9.723  -2.515  4.348   1.00 23.18 ? 55  LYS A CA  1 
ATOM   404 C  C   . LYS A 1 55 ? -10.134 -1.060  4.551   1.00 27.77 ? 55  LYS A C   1 
ATOM   405 O  O   . LYS A 1 55 ? -9.286  -0.182  4.706   1.00 17.73 ? 55  LYS A O   1 
ATOM   406 C  CB  . LYS A 1 55 ? -10.261 -3.376  5.494   1.00 25.46 ? 55  LYS A CB  1 
ATOM   407 C  CG  . LYS A 1 55 ? -9.848  -4.843  5.394   1.00 33.13 ? 55  LYS A CG  1 
ATOM   408 C  CD  . LYS A 1 55 ? -10.355 -5.659  6.577   1.00 41.39 ? 55  LYS A CD  1 
ATOM   409 C  CE  . LYS A 1 55 ? -9.908  -7.115  6.477   1.00 36.77 ? 55  LYS A CE  1 
ATOM   410 N  NZ  . LYS A 1 55 ? -10.412 -7.927  7.612   1.00 38.58 ? 55  LYS A NZ  1 
ATOM   411 N  N   . ASP A 1 56 ? -11.440 -0.810  4.531   1.00 22.33 ? 56  ASP A N   1 
ATOM   412 C  CA  . ASP A 1 56 ? -11.955 0.545   4.723   1.00 23.42 ? 56  ASP A CA  1 
ATOM   413 C  C   . ASP A 1 56 ? -11.356 1.155   5.989   1.00 20.84 ? 56  ASP A C   1 
ATOM   414 O  O   . ASP A 1 56 ? -11.331 0.522   7.045   1.00 17.31 ? 56  ASP A O   1 
ATOM   415 C  CB  . ASP A 1 56 ? -13.484 0.520   4.845   1.00 27.23 ? 56  ASP A CB  1 
ATOM   416 C  CG  . ASP A 1 56 ? -14.078 1.905   5.042   1.00 33.89 ? 56  ASP A CG  1 
ATOM   417 O  OD1 . ASP A 1 56 ? -14.227 2.646   4.048   1.00 33.14 ? 56  ASP A OD1 1 
ATOM   418 O  OD2 . ASP A 1 56 ? -14.385 2.260   6.201   1.00 38.40 ? 56  ASP A OD2 1 
ATOM   419 N  N   . GLY A 1 57 ? -10.859 2.381   5.879   1.00 18.47 ? 57  GLY A N   1 
ATOM   420 C  CA  . GLY A 1 57 ? -10.287 3.046   7.031   1.00 20.58 ? 57  GLY A CA  1 
ATOM   421 C  C   . GLY A 1 57 ? -8.802  2.831   7.281   1.00 20.17 ? 57  GLY A C   1 
ATOM   422 O  O   . GLY A 1 57 ? -8.235  3.498   8.136   1.00 20.40 ? 57  GLY A O   1 
ATOM   423 N  N   . ASP A 1 58 ? -8.164  1.915   6.552   1.00 19.19 ? 58  ASP A N   1 
ATOM   424 C  CA  . ASP A 1 58 ? -6.735  1.663   6.751   1.00 19.06 ? 58  ASP A CA  1 
ATOM   425 C  C   . ASP A 1 58 ? -5.881  2.792   6.161   1.00 19.04 ? 58  ASP A C   1 
ATOM   426 O  O   . ASP A 1 58 ? -6.329  3.516   5.271   1.00 17.86 ? 58  ASP A O   1 
ATOM   427 C  CB  . ASP A 1 58 ? -6.329  0.326   6.118   1.00 12.23 ? 58  ASP A CB  1 
ATOM   428 C  CG  . ASP A 1 58 ? -6.746  -0.877  6.952   1.00 27.04 ? 58  ASP A CG  1 
ATOM   429 O  OD1 . ASP A 1 58 ? -7.071  -0.700  8.149   1.00 20.56 ? 58  ASP A OD1 1 
ATOM   430 O  OD2 . ASP A 1 58 ? -6.726  -2.017  6.418   1.00 22.61 ? 58  ASP A OD2 1 
ATOM   431 N  N   . ALA A 1 59 ? -4.656  2.935   6.663   1.00 13.91 ? 59  ALA A N   1 
ATOM   432 C  CA  . ALA A 1 59 ? -3.739  3.973   6.188   1.00 14.86 ? 59  ALA A CA  1 
ATOM   433 C  C   . ALA A 1 59 ? -2.512  3.330   5.555   1.00 16.27 ? 59  ALA A C   1 
ATOM   434 O  O   . ALA A 1 59 ? -1.761  2.624   6.222   1.00 17.21 ? 59  ALA A O   1 
ATOM   435 C  CB  . ALA A 1 59 ? -3.312  4.861   7.343   1.00 19.15 ? 59  ALA A CB  1 
ATOM   436 N  N   . VAL A 1 60 ? -2.310  3.573   4.269   1.00 13.33 ? 60  VAL A N   1 
ATOM   437 C  CA  . VAL A 1 60 ? -1.166  3.007   3.584   1.00 15.58 ? 60  VAL A CA  1 
ATOM   438 C  C   . VAL A 1 60 ? -0.205  4.100   3.153   1.00 18.65 ? 60  VAL A C   1 
ATOM   439 O  O   . VAL A 1 60 ? -0.617  5.206   2.783   1.00 16.30 ? 60  VAL A O   1 
ATOM   440 C  CB  . VAL A 1 60 ? -1.616  2.179   2.359   1.00 18.37 ? 60  VAL A CB  1 
ATOM   441 C  CG1 . VAL A 1 60 ? -2.543  1.061   2.812   1.00 21.97 ? 60  VAL A CG1 1 
ATOM   442 C  CG2 . VAL A 1 60 ? -2.336  3.067   1.354   1.00 27.41 ? 60  VAL A CG2 1 
ATOM   443 N  N   . GLU A 1 61 ? 1.084   3.794   3.215   1.00 18.36 ? 61  GLU A N   1 
ATOM   444 C  CA  . GLU A 1 61 ? 2.108   4.760   2.824   1.00 21.77 ? 61  GLU A CA  1 
ATOM   445 C  C   . GLU A 1 61 ? 3.112   4.104   1.884   1.00 20.67 ? 61  GLU A C   1 
ATOM   446 O  O   . GLU A 1 61 ? 3.509   2.959   2.080   1.00 16.74 ? 61  GLU A O   1 
ATOM   447 C  CB  . GLU A 1 61 ? 2.844   5.264   4.061   1.00 22.06 ? 61  GLU A CB  1 
ATOM   448 C  CG  . GLU A 1 61 ? 1.964   5.913   5.103   1.00 34.74 ? 61  GLU A CG  1 
ATOM   449 C  CD  . GLU A 1 61 ? 2.706   6.124   6.409   1.00 43.85 ? 61  GLU A CD  1 
ATOM   450 O  OE1 . GLU A 1 61 ? 2.963   5.127   7.121   1.00 55.98 ? 61  GLU A OE1 1 
ATOM   451 O  OE2 . GLU A 1 61 ? 3.046   7.281   6.718   1.00 48.20 ? 61  GLU A OE2 1 
ATOM   452 N  N   . PHE A 1 62 ? 3.510   4.843   0.860   1.00 17.32 ? 62  PHE A N   1 
ATOM   453 C  CA  . PHE A 1 62 ? 4.480   4.350   -0.098  1.00 22.80 ? 62  PHE A CA  1 
ATOM   454 C  C   . PHE A 1 62 ? 5.745   5.181   0.055   1.00 21.95 ? 62  PHE A C   1 
ATOM   455 O  O   . PHE A 1 62 ? 5.730   6.394   -0.151  1.00 24.36 ? 62  PHE A O   1 
ATOM   456 C  CB  . PHE A 1 62 ? 3.922   4.458   -1.518  1.00 17.51 ? 62  PHE A CB  1 
ATOM   457 C  CG  . PHE A 1 62 ? 2.669   3.657   -1.729  1.00 23.43 ? 62  PHE A CG  1 
ATOM   458 C  CD1 . PHE A 1 62 ? 2.668   2.286   -1.522  1.00 18.91 ? 62  PHE A CD1 1 
ATOM   459 C  CD2 . PHE A 1 62 ? 1.483   4.276   -2.102  1.00 25.84 ? 62  PHE A CD2 1 
ATOM   460 C  CE1 . PHE A 1 62 ? 1.504   1.539   -1.677  1.00 20.41 ? 62  PHE A CE1 1 
ATOM   461 C  CE2 . PHE A 1 62 ? 0.310   3.537   -2.260  1.00 18.12 ? 62  PHE A CE2 1 
ATOM   462 C  CZ  . PHE A 1 62 ? 0.326   2.176   -2.048  1.00 20.83 ? 62  PHE A CZ  1 
ATOM   463 N  N   . LEU A 1 63 ? 6.831   4.521   0.446   1.00 20.82 ? 63  LEU A N   1 
ATOM   464 C  CA  . LEU A 1 63 ? 8.100   5.207   0.658   1.00 19.24 ? 63  LEU A CA  1 
ATOM   465 C  C   . LEU A 1 63 ? 9.222   4.588   -0.179  1.00 20.61 ? 63  LEU A C   1 
ATOM   466 O  O   . LEU A 1 63 ? 9.203   3.392   -0.481  1.00 18.16 ? 63  LEU A O   1 
ATOM   467 C  CB  . LEU A 1 63 ? 8.481   5.149   2.142   1.00 23.91 ? 63  LEU A CB  1 
ATOM   468 C  CG  . LEU A 1 63 ? 7.390   5.371   3.203   1.00 27.16 ? 63  LEU A CG  1 
ATOM   469 C  CD1 . LEU A 1 63 ? 8.010   5.243   4.585   1.00 36.46 ? 63  LEU A CD1 1 
ATOM   470 C  CD2 . LEU A 1 63 ? 6.741   6.731   3.029   1.00 38.65 ? 63  LEU A CD2 1 
ATOM   471 N  N   . TYR A 1 64 ? 10.200  5.413   -0.549  1.00 17.43 ? 64  TYR A N   1 
ATOM   472 C  CA  . TYR A 1 64 ? 11.330  4.944   -1.341  1.00 21.26 ? 64  TYR A CA  1 
ATOM   473 C  C   . TYR A 1 64 ? 12.635  5.311   -0.654  1.00 22.24 ? 64  TYR A C   1 
ATOM   474 O  O   . TYR A 1 64 ? 12.922  6.488   -0.449  1.00 20.64 ? 64  TYR A O   1 
ATOM   475 C  CB  . TYR A 1 64 ? 11.325  5.569   -2.738  1.00 22.02 ? 64  TYR A CB  1 
ATOM   476 C  CG  . TYR A 1 64 ? 10.078  5.307   -3.545  1.00 26.32 ? 64  TYR A CG  1 
ATOM   477 C  CD1 . TYR A 1 64 ? 8.950   6.120   -3.411  1.00 35.31 ? 64  TYR A CD1 1 
ATOM   478 C  CD2 . TYR A 1 64 ? 10.029  4.254   -4.455  1.00 24.40 ? 64  TYR A CD2 1 
ATOM   479 C  CE1 . TYR A 1 64 ? 7.803   5.889   -4.174  1.00 32.27 ? 64  TYR A CE1 1 
ATOM   480 C  CE2 . TYR A 1 64 ? 8.895   4.016   -5.217  1.00 29.32 ? 64  TYR A CE2 1 
ATOM   481 C  CZ  . TYR A 1 64 ? 7.787   4.836   -5.072  1.00 35.75 ? 64  TYR A CZ  1 
ATOM   482 O  OH  . TYR A 1 64 ? 6.667   4.594   -5.830  1.00 33.97 ? 64  TYR A OH  1 
ATOM   483 N  N   . PHE A 1 65 ? 13.426  4.305   -0.305  1.00 25.75 ? 65  PHE A N   1 
ATOM   484 C  CA  . PHE A 1 65 ? 14.700  4.546   0.348   1.00 26.08 ? 65  PHE A CA  1 
ATOM   485 C  C   . PHE A 1 65 ? 15.871  4.359   -0.613  1.00 33.70 ? 65  PHE A C   1 
ATOM   486 O  O   . PHE A 1 65 ? 15.960  3.350   -1.310  1.00 30.75 ? 65  PHE A O   1 
ATOM   487 C  CB  . PHE A 1 65 ? 14.859  3.612   1.544   1.00 26.45 ? 65  PHE A CB  1 
ATOM   488 C  CG  . PHE A 1 65 ? 13.839  3.834   2.620   1.00 39.84 ? 65  PHE A CG  1 
ATOM   489 C  CD1 . PHE A 1 65 ? 12.506  3.487   2.418   1.00 30.15 ? 65  PHE A CD1 1 
ATOM   490 C  CD2 . PHE A 1 65 ? 14.208  4.409   3.834   1.00 35.47 ? 65  PHE A CD2 1 
ATOM   491 C  CE1 . PHE A 1 65 ? 11.551  3.713   3.411   1.00 39.70 ? 65  PHE A CE1 1 
ATOM   492 C  CE2 . PHE A 1 65 ? 13.265  4.640   4.832   1.00 33.01 ? 65  PHE A CE2 1 
ATOM   493 C  CZ  . PHE A 1 65 ? 11.931  4.290   4.621   1.00 30.81 ? 65  PHE A CZ  1 
HETATM 494 N  N   . MSE A 1 66 ? 16.759  5.349   -0.647  1.00 31.33 ? 66  MSE A N   1 
HETATM 495 C  CA  . MSE A 1 66 ? 17.948  5.320   -1.496  1.00 39.95 ? 66  MSE A CA  1 
HETATM 496 C  C   . MSE A 1 66 ? 19.106  5.900   -0.687  1.00 36.53 ? 66  MSE A C   1 
HETATM 497 O  O   . MSE A 1 66 ? 18.928  6.885   0.030   1.00 30.52 ? 66  MSE A O   1 
HETATM 498 C  CB  . MSE A 1 66 ? 17.723  6.164   -2.751  1.00 44.60 ? 66  MSE A CB  1 
HETATM 499 C  CG  . MSE A 1 66 ? 16.527  5.739   -3.580  1.00 67.65 ? 66  MSE A CG  1 
HETATM 500 SE SE  . MSE A 1 66 ? 15.619  7.276   -4.316  1.00 98.16 ? 66  MSE A SE  1 
HETATM 501 C  CE  . MSE A 1 66 ? 14.811  7.902   -2.664  1.00 79.87 ? 66  MSE A CE  1 
ATOM   502 N  N   . GLY A 1 67 ? 20.284  5.290   -0.801  1.00 38.33 ? 67  GLY A N   1 
ATOM   503 C  CA  . GLY A 1 67 ? 21.437  5.769   -0.054  1.00 52.11 ? 67  GLY A CA  1 
ATOM   504 C  C   . GLY A 1 67 ? 22.490  4.696   0.155   1.00 59.51 ? 67  GLY A C   1 
ATOM   505 O  O   . GLY A 1 67 ? 22.228  3.514   -0.068  1.00 62.56 ? 67  GLY A O   1 
ATOM   506 N  N   . GLY A 1 68 ? 23.679  5.097   0.602   1.00 66.07 ? 68  GLY A N   1 
ATOM   507 C  CA  . GLY A 1 68 ? 24.757  4.140   0.801   1.00 67.98 ? 68  GLY A CA  1 
ATOM   508 C  C   . GLY A 1 68 ? 24.913  3.561   2.196   1.00 71.48 ? 68  GLY A C   1 
ATOM   509 O  O   . GLY A 1 68 ? 25.922  3.804   2.861   1.00 71.31 ? 68  GLY A O   1 
ATOM   510 N  N   . GLY A 1 69 ? 23.924  2.785   2.640   1.00 75.34 ? 69  GLY A N   1 
ATOM   511 C  CA  . GLY A 1 69 ? 23.997  2.181   3.959   1.00 74.50 ? 69  GLY A CA  1 
ATOM   512 C  C   . GLY A 1 69 ? 23.066  0.993   4.147   1.00 75.80 ? 69  GLY A C   1 
ATOM   513 O  O   . GLY A 1 69 ? 23.564  -0.156  4.181   1.00 76.04 ? 69  GLY A O   1 
HETATM 514 O  O   . HOH B 2 .  ? -1.641  7.083   4.719   1.00 22.18 ? 79  HOH A O   1 
HETATM 515 O  O   . HOH B 2 .  ? 0.806   3.485   7.497   1.00 28.06 ? 80  HOH A O   1 
HETATM 516 O  O   . HOH B 2 .  ? 7.397   -2.978  2.017   1.00 24.80 ? 81  HOH A O   1 
HETATM 517 O  O   . HOH B 2 .  ? 7.644   -1.215  11.208  1.00 27.06 ? 82  HOH A O   1 
HETATM 518 O  O   . HOH B 2 .  ? 4.974   -5.991  8.926   1.00 30.11 ? 83  HOH A O   1 
HETATM 519 O  O   . HOH B 2 .  ? -8.181  6.001   6.992   1.00 29.23 ? 84  HOH A O   1 
HETATM 520 O  O   . HOH B 2 .  ? -11.543 8.612   1.407   1.00 27.51 ? 85  HOH A O   1 
HETATM 521 O  O   . HOH B 2 .  ? 9.755   7.850   -6.377  1.00 47.00 ? 86  HOH A O   1 
HETATM 522 O  O   . HOH B 2 .  ? 2.989   -11.817 -1.517  1.00 33.04 ? 87  HOH A O   1 
HETATM 523 O  O   . HOH B 2 .  ? -16.162 -1.523  2.242   1.00 46.64 ? 88  HOH A O   1 
HETATM 524 O  O   . HOH B 2 .  ? 4.596   -7.698  6.556   1.00 31.69 ? 89  HOH A O   1 
HETATM 525 O  O   . HOH B 2 .  ? 12.334  1.611   -0.543  1.00 25.45 ? 90  HOH A O   1 
HETATM 526 O  O   . HOH B 2 .  ? -7.719  -2.865  9.198   1.00 31.49 ? 91  HOH A O   1 
HETATM 527 O  O   . HOH B 2 .  ? -7.728  10.399  4.605   1.00 34.52 ? 92  HOH A O   1 
HETATM 528 O  O   . HOH B 2 .  ? 24.859  7.464   -0.874  1.00 47.27 ? 93  HOH A O   1 
HETATM 529 O  O   . HOH B 2 .  ? 0.001   13.883  1.721   1.00 30.44 ? 94  HOH A O   1 
HETATM 530 O  O   . HOH B 2 .  ? 5.573   -9.497  -3.209  1.00 34.20 ? 95  HOH A O   1 
HETATM 531 O  O   . HOH B 2 .  ? 6.776   -1.306  -10.663 1.00 39.97 ? 96  HOH A O   1 
HETATM 532 O  O   . HOH B 2 .  ? 10.450  -6.758  2.248   1.00 35.67 ? 97  HOH A O   1 
HETATM 533 O  O   . HOH B 2 .  ? 20.001  3.100   -3.205  1.00 37.75 ? 98  HOH A O   1 
HETATM 534 O  O   . HOH B 2 .  ? 11.632  -1.933  2.841   1.00 40.66 ? 99  HOH A O   1 
HETATM 535 O  O   . HOH B 2 .  ? 0.020   -3.306  9.738   1.00 40.11 ? 100 HOH A O   1 
HETATM 536 O  O   . HOH B 2 .  ? 3.554   -8.364  -4.622  1.00 30.84 ? 101 HOH A O   1 
HETATM 537 O  O   . HOH B 2 .  ? -0.793  -6.850  -11.591 1.00 44.94 ? 102 HOH A O   1 
HETATM 538 O  O   . HOH B 2 .  ? -11.135 -8.173  -3.076  1.00 60.58 ? 103 HOH A O   1 
HETATM 539 O  O   . HOH B 2 .  ? 5.822   -10.102 7.104   1.00 34.65 ? 104 HOH A O   1 
HETATM 540 O  O   . HOH B 2 .  ? -14.215 1.997   8.896   1.00 41.43 ? 105 HOH A O   1 
HETATM 541 O  O   . HOH B 2 .  ? -8.692  -8.654  -0.308  1.00 34.22 ? 106 HOH A O   1 
HETATM 542 O  O   . HOH B 2 .  ? -17.732 7.867   2.239   1.00 51.84 ? 107 HOH A O   1 
HETATM 543 O  O   . HOH B 2 .  ? -17.541 -4.018  -3.839  1.00 38.60 ? 108 HOH A O   1 
HETATM 544 O  O   . HOH B 2 .  ? -13.885 -6.152  -5.904  1.00 53.24 ? 109 HOH A O   1 
HETATM 545 O  O   . HOH B 2 .  ? -10.110 6.389   5.247   1.00 30.30 ? 110 HOH A O   1 
HETATM 546 O  O   . HOH B 2 .  ? -10.347 8.774   4.091   1.00 25.53 ? 111 HOH A O   1 
HETATM 547 O  O   . HOH B 2 .  ? -12.531 6.240   7.031   1.00 39.21 ? 112 HOH A O   1 
HETATM 548 O  O   . HOH B 2 .  ? -14.663 5.033   6.036   1.00 45.69 ? 113 HOH A O   1 
HETATM 549 O  O   . HOH B 2 .  ? -5.993  4.134   10.149  1.00 40.78 ? 114 HOH A O   1 
HETATM 550 O  O   . HOH B 2 .  ? -9.538  0.078   9.197   1.00 38.46 ? 115 HOH A O   1 
HETATM 551 O  O   . HOH B 2 .  ? -11.277 1.718   10.307  1.00 47.79 ? 116 HOH A O   1 
HETATM 552 O  O   . HOH B 2 .  ? -13.635 -9.379  1.195   1.00 51.05 ? 117 HOH A O   1 
HETATM 553 O  O   . HOH B 2 .  ? -2.605  -10.980 -5.328  1.00 30.02 ? 118 HOH A O   1 
HETATM 554 O  O   . HOH B 2 .  ? -2.863  -10.402 -7.777  1.00 38.78 ? 119 HOH A O   1 
HETATM 555 O  O   . HOH B 2 .  ? -9.755  -8.362  -5.154  1.00 67.65 ? 120 HOH A O   1 
HETATM 556 O  O   . HOH B 2 .  ? -6.154  6.080   -5.203  1.00 52.92 ? 121 HOH A O   1 
HETATM 557 O  O   . HOH B 2 .  ? -0.495  8.520   6.628   1.00 74.20 ? 122 HOH A O   1 
HETATM 558 O  O   . HOH B 2 .  ? -5.290  -13.711 3.786   1.00 87.24 ? 123 HOH A O   1 
# 
